data_3D85
#
_entry.id   3D85
#
_cell.length_a   75.386
_cell.length_b   62.091
_cell.length_c   107.261
_cell.angle_alpha   90.00
_cell.angle_beta   97.44
_cell.angle_gamma   90.00
#
_symmetry.space_group_name_H-M   'P 1 21 1'
#
loop_
_entity.id
_entity.type
_entity.pdbx_description
1 polymer 'FAB of antibody 7G10, light chain'
2 polymer 'FAB of antibody 7G10, heavy chain'
3 polymer 'Interleukin-23 subunit p19'
4 polymer 'Interleukin-12 subunit p40'
5 non-polymer IMIDAZOLE
6 non-polymer (4S)-2-METHYL-2,4-PENTANEDIOL
7 water water
#
loop_
_entity_poly.entity_id
_entity_poly.type
_entity_poly.pdbx_seq_one_letter_code
_entity_poly.pdbx_strand_id
1 'polypeptide(L)'
;DIVMTQSPATLSVTPGDRVSLSCRASQSISDYLHWYRQKSHESPRLLIKYASQSISGIPSRFSGSGSGSDFTLSINSVEP
EDVGVYYCQNGHSFPFTFGSGTKLEIKRTVAAPSVFIFPPSDEQLKSGTASVVCLLNNFYPREAKVQWKVDNALQSGNSQ
ESVTEQDSKDSTYSLSSTLTLSKADYEKHKVYACEVTHQGLSSPVTKSFNRGEC
;
A
2 'polypeptide(L)'
;EVQLQQSGPELVKPGASVKMSCKASGYTFTSNVMHWVKQKPGQGLEWIGYINPYNDGTKYNEKFKGKATLTSDKSSSTAY
MELSSLTSEDSAVYYCARNWDVAYWGQGTLVTVSAASTKGPSVFPLAPSSKSTSGGTAALGCLVKDYFPEPVTVSWNSGA
LTSGVHTFPAVLQSSGLYSLSSVVTVPSSSLGTQTYICNVNHKPSNTKVDKKVEPKSCDKTHT
;
B
3 'polypeptide(L)'
;RAVPGGSSPAWTQCQQLSQKLCTLAWSAHPLVGHMDLREEGDEETTNDVPHIQCGDGCDPQGLRDNSQFCLQRIHQGLIF
YEKLLGSDIFTGEPSLLPDSPVGQLHASLLGLSQLLQPEGHHWETQQIPSLSPSQPWQRLLLRFKILRSLQAFVAVAARV
FAHGAATLSPGSHHHHHH
;
C
4 'polypeptide(L)'
;IWELKKDVYVVELDWYPDAPGEMVVLTCDTPEEDGITWTLDQSSEVLGSGKTLTIQVKEFGDAGQYTCHKGGEVLSHSLL
LLHKKEDGIWSTDILKDQKEPKNKTFLRCEAKNYSGRFTCWWLTTISTDLTFSVKSSRGSSDPQGVTCGAATLSAERVRG
DNKEYEYSVECQEDSACPAAEESLPIEVMVDAVHKLKYEQYTSSFFIRDIIKPDPPKNLQLKPLKNSRQVEVSWEYPDTW
STPHSYFSLTFCVQVQGKSKREKKDRVFTDKTSATVICRKNASISVRAQDRYYSSSWSEWASVPCS
;
D
#
loop_
_chem_comp.id
_chem_comp.type
_chem_comp.name
_chem_comp.formula
IMD non-polymer IMIDAZOLE 'C3 H5 N2 1'
MPD non-polymer (4S)-2-METHYL-2,4-PENTANEDIOL 'C6 H14 O2'
#
# COMPACT_ATOMS: atom_id res chain seq x y z
N ASP A 1 9.04 -3.05 16.71
CA ASP A 1 8.72 -3.86 15.53
C ASP A 1 7.42 -4.57 15.82
N ILE A 2 6.61 -4.69 14.79
CA ILE A 2 5.34 -5.38 14.93
C ILE A 2 5.55 -6.89 14.88
N VAL A 3 5.02 -7.59 15.87
CA VAL A 3 5.06 -9.05 15.90
C VAL A 3 3.75 -9.61 15.38
N MET A 4 3.83 -10.50 14.39
CA MET A 4 2.65 -11.14 13.81
C MET A 4 2.58 -12.54 14.42
N THR A 5 1.48 -12.85 15.10
CA THR A 5 1.33 -14.16 15.71
C THR A 5 0.27 -15.00 15.01
N GLN A 6 0.63 -16.21 14.65
CA GLN A 6 -0.31 -17.09 13.97
C GLN A 6 -0.70 -18.27 14.83
N SER A 7 -1.93 -18.73 14.66
CA SER A 7 -2.38 -19.94 15.34
C SER A 7 -3.44 -20.60 14.49
N PRO A 8 -3.48 -21.92 14.48
CA PRO A 8 -2.61 -22.85 15.22
C PRO A 8 -1.32 -23.05 14.42
N ALA A 9 -0.32 -23.68 15.01
CA ALA A 9 0.93 -23.95 14.31
C ALA A 9 0.72 -24.97 13.23
N THR A 10 -0.17 -25.94 13.50
CA THR A 10 -0.43 -27.03 12.55
C THR A 10 -1.95 -27.24 12.49
N LEU A 11 -2.43 -27.69 11.34
CA LEU A 11 -3.86 -27.92 11.14
C LEU A 11 -3.89 -29.15 10.25
N SER A 12 -4.73 -30.13 10.58
CA SER A 12 -4.85 -31.34 9.78
C SER A 12 -6.33 -31.30 9.40
N VAL A 13 -6.62 -31.31 8.11
CA VAL A 13 -8.00 -31.10 7.71
C VAL A 13 -8.47 -32.09 6.70
N THR A 14 -9.78 -32.35 6.66
CA THR A 14 -10.35 -33.28 5.70
C THR A 14 -10.76 -32.49 4.47
N PRO A 15 -10.44 -32.98 3.26
CA PRO A 15 -10.88 -32.16 2.14
C PRO A 15 -12.40 -31.96 2.13
N GLY A 16 -12.84 -30.79 1.68
CA GLY A 16 -14.24 -30.44 1.65
C GLY A 16 -14.58 -29.61 2.87
N ASP A 17 -13.81 -29.74 3.93
CA ASP A 17 -14.09 -28.95 5.11
C ASP A 17 -13.72 -27.48 4.96
N ARG A 18 -14.31 -26.64 5.82
CA ARG A 18 -14.01 -25.23 5.87
C ARG A 18 -12.88 -25.05 6.89
N VAL A 19 -11.97 -24.12 6.63
CA VAL A 19 -10.80 -23.92 7.46
C VAL A 19 -10.65 -22.46 7.79
N SER A 20 -10.20 -22.19 9.00
CA SER A 20 -9.97 -20.83 9.48
C SER A 20 -8.57 -20.74 10.09
N LEU A 21 -7.75 -19.80 9.60
CA LEU A 21 -6.39 -19.60 10.12
C LEU A 21 -6.35 -18.20 10.72
N SER A 22 -5.77 -18.06 11.91
CA SER A 22 -5.69 -16.76 12.59
C SER A 22 -4.31 -16.13 12.52
N CYS A 23 -4.33 -14.81 12.58
CA CYS A 23 -3.12 -14.02 12.58
C CYS A 23 -3.44 -12.81 13.44
N ARG A 24 -2.60 -12.49 14.42
CA ARG A 24 -2.81 -11.30 15.22
C ARG A 24 -1.56 -10.44 15.19
N ALA A 25 -1.74 -9.12 15.10
CA ALA A 25 -0.62 -8.19 15.10
C ALA A 25 -0.44 -7.56 16.49
N SER A 26 0.79 -7.26 16.87
CA SER A 26 1.06 -6.69 18.17
C SER A 26 0.65 -5.21 18.29
N GLN A 27 0.34 -4.60 17.15
CA GLN A 27 -0.08 -3.20 17.06
C GLN A 27 -1.07 -3.17 15.91
N SER A 28 -1.98 -2.19 15.91
CA SER A 28 -2.97 -2.07 14.87
C SER A 28 -2.29 -1.76 13.53
N ILE A 29 -2.70 -2.46 12.48
CA ILE A 29 -2.10 -2.28 11.16
C ILE A 29 -3.21 -2.05 10.15
N SER A 30 -4.37 -1.61 10.63
CA SER A 30 -5.53 -1.34 9.78
C SER A 30 -5.79 -2.57 8.90
N ASP A 31 -5.86 -2.41 7.58
CA ASP A 31 -6.00 -3.57 6.68
C ASP A 31 -4.74 -3.81 5.84
N TYR A 32 -3.58 -3.38 6.33
CA TYR A 32 -2.31 -3.58 5.62
C TYR A 32 -1.70 -4.90 6.08
N LEU A 33 -2.32 -5.98 5.63
CA LEU A 33 -2.02 -7.34 6.06
C LEU A 33 -2.18 -8.25 4.84
N HIS A 34 -1.15 -9.05 4.55
CA HIS A 34 -1.18 -9.94 3.40
C HIS A 34 -1.05 -11.40 3.85
N TRP A 35 -1.57 -12.32 3.05
CA TRP A 35 -1.45 -13.75 3.35
C TRP A 35 -0.72 -14.40 2.17
N TYR A 36 0.09 -15.40 2.49
CA TYR A 36 0.82 -16.17 1.48
C TYR A 36 0.71 -17.61 1.80
N ARG A 37 0.98 -18.43 0.79
CA ARG A 37 1.18 -19.85 1.06
C ARG A 37 2.54 -20.19 0.47
N GLN A 38 3.33 -21.00 1.16
CA GLN A 38 4.58 -21.46 0.58
C GLN A 38 4.59 -23.00 0.60
N LYS A 39 4.66 -23.58 -0.58
CA LYS A 39 4.64 -25.01 -0.73
C LYS A 39 6.08 -25.44 -0.77
N SER A 40 6.31 -26.72 -0.53
CA SER A 40 7.64 -27.28 -0.48
C SER A 40 8.45 -26.88 -1.72
N HIS A 41 9.66 -26.38 -1.51
CA HIS A 41 10.56 -26.01 -2.60
C HIS A 41 10.17 -24.81 -3.47
N GLU A 42 9.21 -24.00 -3.01
CA GLU A 42 8.81 -22.83 -3.81
C GLU A 42 8.97 -21.61 -2.98
N SER A 43 8.82 -20.46 -3.63
CA SER A 43 8.87 -19.20 -2.92
C SER A 43 7.42 -18.99 -2.47
N PRO A 44 7.20 -18.09 -1.50
CA PRO A 44 5.85 -17.79 -1.03
C PRO A 44 5.00 -17.18 -2.13
N ARG A 45 3.73 -17.56 -2.14
CA ARG A 45 2.78 -17.09 -3.16
C ARG A 45 1.68 -16.26 -2.49
N LEU A 46 1.51 -15.02 -2.93
CA LEU A 46 0.51 -14.15 -2.36
C LEU A 46 -0.91 -14.71 -2.64
N LEU A 47 -1.74 -14.82 -1.62
CA LEU A 47 -3.09 -15.33 -1.77
C LEU A 47 -4.17 -14.24 -1.61
N ILE A 48 -3.97 -13.38 -0.62
CA ILE A 48 -4.90 -12.31 -0.27
C ILE A 48 -4.09 -11.09 0.04
N LYS A 49 -4.48 -9.92 -0.44
CA LYS A 49 -3.70 -8.71 -0.13
C LYS A 49 -4.60 -7.77 0.61
N TYR A 50 -4.00 -6.93 1.43
CA TYR A 50 -4.73 -5.92 2.19
C TYR A 50 -5.94 -6.51 2.92
N ALA A 51 -5.69 -7.61 3.64
CA ALA A 51 -6.67 -8.26 4.52
C ALA A 51 -7.79 -9.03 3.85
N SER A 52 -8.37 -8.45 2.81
CA SER A 52 -9.53 -9.11 2.20
C SER A 52 -9.61 -9.07 0.71
N GLN A 53 -8.64 -8.43 0.06
CA GLN A 53 -8.68 -8.30 -1.38
C GLN A 53 -8.14 -9.51 -2.12
N SER A 54 -8.90 -9.91 -3.13
CA SER A 54 -8.60 -11.06 -3.96
C SER A 54 -7.45 -10.83 -4.92
N ILE A 55 -6.80 -11.92 -5.27
CA ILE A 55 -5.63 -11.91 -6.15
C ILE A 55 -5.96 -12.66 -7.41
N SER A 56 -5.69 -12.06 -8.54
CA SER A 56 -5.98 -12.75 -9.79
C SER A 56 -5.30 -14.13 -9.87
N GLY A 57 -6.08 -15.17 -10.21
CA GLY A 57 -5.57 -16.52 -10.36
C GLY A 57 -5.68 -17.39 -9.14
N ILE A 58 -6.10 -16.83 -8.01
CA ILE A 58 -6.20 -17.62 -6.78
C ILE A 58 -7.65 -18.07 -6.68
N PRO A 59 -7.89 -19.32 -6.25
CA PRO A 59 -9.26 -19.84 -6.13
C PRO A 59 -10.18 -19.02 -5.22
N SER A 60 -11.45 -18.92 -5.60
CA SER A 60 -12.43 -18.17 -4.82
C SER A 60 -12.66 -18.83 -3.46
N ARG A 61 -12.18 -20.06 -3.29
CA ARG A 61 -12.20 -20.78 -2.00
C ARG A 61 -11.58 -19.91 -0.88
N PHE A 62 -10.59 -19.11 -1.27
CA PHE A 62 -9.83 -18.32 -0.30
C PHE A 62 -10.43 -16.95 -0.09
N SER A 63 -10.59 -16.54 1.15
CA SER A 63 -11.06 -15.20 1.43
C SER A 63 -10.38 -14.81 2.70
N GLY A 64 -10.27 -13.52 2.97
CA GLY A 64 -9.68 -13.04 4.20
C GLY A 64 -10.57 -12.00 4.82
N SER A 65 -10.39 -11.73 6.11
CA SER A 65 -11.20 -10.74 6.81
C SER A 65 -10.46 -10.28 8.02
N GLY A 66 -10.97 -9.24 8.66
CA GLY A 66 -10.34 -8.64 9.83
C GLY A 66 -9.78 -7.28 9.44
N SER A 67 -9.47 -6.46 10.44
CA SER A 67 -8.90 -5.15 10.20
C SER A 67 -8.44 -4.69 11.56
N GLY A 68 -7.29 -4.07 11.65
CA GLY A 68 -6.73 -3.64 12.92
C GLY A 68 -5.70 -4.63 13.47
N SER A 69 -6.11 -5.50 14.40
CA SER A 69 -5.14 -6.42 15.00
C SER A 69 -5.44 -7.87 14.82
N ASP A 70 -6.65 -8.22 14.44
CA ASP A 70 -7.02 -9.64 14.39
C ASP A 70 -7.49 -10.00 13.01
N PHE A 71 -6.91 -11.02 12.40
CA PHE A 71 -7.22 -11.35 11.01
C PHE A 71 -7.49 -12.83 10.81
N THR A 72 -8.24 -13.16 9.77
CA THR A 72 -8.53 -14.54 9.49
C THR A 72 -8.47 -14.84 8.02
N LEU A 73 -7.85 -15.97 7.69
CA LEU A 73 -7.86 -16.45 6.34
C LEU A 73 -8.79 -17.65 6.37
N SER A 74 -9.77 -17.66 5.48
CA SER A 74 -10.69 -18.82 5.45
C SER A 74 -10.56 -19.56 4.14
N ILE A 75 -10.60 -20.87 4.21
CA ILE A 75 -10.59 -21.69 3.02
C ILE A 75 -11.96 -22.37 2.99
N ASN A 76 -12.78 -22.00 2.03
CA ASN A 76 -14.15 -22.48 1.98
C ASN A 76 -14.29 -23.97 2.05
N SER A 77 -13.75 -24.64 1.07
CA SER A 77 -13.81 -26.08 1.05
C SER A 77 -12.40 -26.51 0.65
N VAL A 78 -11.59 -26.86 1.65
CA VAL A 78 -10.21 -27.28 1.43
C VAL A 78 -10.04 -28.38 0.40
N GLU A 79 -9.00 -28.23 -0.42
CA GLU A 79 -8.65 -29.22 -1.44
C GLU A 79 -7.25 -29.78 -1.18
N PRO A 80 -6.92 -30.91 -1.79
CA PRO A 80 -5.58 -31.48 -1.57
C PRO A 80 -4.44 -30.52 -1.93
N GLU A 81 -4.63 -29.74 -3.00
CA GLU A 81 -3.56 -28.85 -3.46
C GLU A 81 -3.32 -27.71 -2.49
N ASP A 82 -4.10 -27.64 -1.42
CA ASP A 82 -3.90 -26.55 -0.46
C ASP A 82 -2.81 -26.78 0.57
N VAL A 83 -2.22 -27.97 0.56
CA VAL A 83 -1.21 -28.33 1.55
C VAL A 83 -0.04 -27.34 1.43
N GLY A 84 0.51 -26.94 2.56
CA GLY A 84 1.64 -25.99 2.57
C GLY A 84 1.64 -25.17 3.83
N VAL A 85 2.54 -24.20 3.90
CA VAL A 85 2.62 -23.35 5.07
C VAL A 85 2.04 -21.99 4.70
N TYR A 86 1.14 -21.48 5.55
CA TYR A 86 0.46 -20.24 5.30
C TYR A 86 1.05 -19.21 6.23
N TYR A 87 1.47 -18.06 5.68
CA TYR A 87 2.05 -16.96 6.47
C TYR A 87 1.25 -15.67 6.31
N CYS A 88 1.17 -14.87 7.37
CA CYS A 88 0.55 -13.56 7.26
C CYS A 88 1.72 -12.57 7.31
N GLN A 89 1.50 -11.34 6.86
CA GLN A 89 2.58 -10.37 6.81
C GLN A 89 2.06 -8.98 7.09
N ASN A 90 2.78 -8.26 7.94
CA ASN A 90 2.58 -6.83 8.20
C ASN A 90 3.09 -6.09 6.95
N GLY A 91 2.17 -5.47 6.22
CA GLY A 91 2.43 -4.66 5.02
C GLY A 91 2.24 -3.17 5.32
N HIS A 92 2.26 -2.84 6.61
CA HIS A 92 1.91 -1.53 7.16
C HIS A 92 3.05 -0.55 7.51
N SER A 93 4.03 -1.01 8.25
CA SER A 93 5.12 -0.10 8.61
C SER A 93 6.43 -0.85 8.81
N PHE A 94 7.54 -0.13 8.80
CA PHE A 94 8.86 -0.76 8.89
C PHE A 94 9.18 -1.24 10.28
N PRO A 95 9.86 -2.40 10.41
CA PRO A 95 10.25 -3.32 9.33
C PRO A 95 9.05 -4.16 8.96
N PHE A 96 8.98 -4.58 7.70
CA PHE A 96 7.89 -5.50 7.36
C PHE A 96 8.22 -6.77 8.17
N THR A 97 7.21 -7.47 8.68
CA THR A 97 7.42 -8.70 9.47
C THR A 97 6.38 -9.77 9.06
N PHE A 98 6.76 -11.03 9.23
CA PHE A 98 5.94 -12.14 8.80
C PHE A 98 5.61 -12.94 10.06
N GLY A 99 4.50 -13.67 10.04
CA GLY A 99 4.12 -14.55 11.14
C GLY A 99 4.91 -15.85 10.99
N SER A 100 4.86 -16.68 12.03
CA SER A 100 5.63 -17.91 12.05
C SER A 100 5.06 -19.03 11.22
N GLY A 101 3.90 -18.82 10.62
CA GLY A 101 3.33 -19.82 9.72
C GLY A 101 2.40 -20.81 10.39
N THR A 102 1.46 -21.34 9.61
CA THR A 102 0.57 -22.44 10.03
C THR A 102 0.79 -23.48 8.95
N LYS A 103 1.21 -24.68 9.33
CA LYS A 103 1.39 -25.75 8.35
C LYS A 103 0.06 -26.50 8.16
N LEU A 104 -0.43 -26.57 6.94
CA LEU A 104 -1.70 -27.27 6.66
C LEU A 104 -1.43 -28.64 6.11
N GLU A 105 -1.96 -29.67 6.80
CA GLU A 105 -1.78 -31.03 6.36
C GLU A 105 -3.19 -31.53 5.98
N ILE A 106 -3.29 -32.37 4.98
CA ILE A 106 -4.58 -32.87 4.51
C ILE A 106 -4.81 -34.27 5.03
N LYS A 107 -6.05 -34.58 5.44
CA LYS A 107 -6.33 -35.96 5.87
C LYS A 107 -6.87 -36.70 4.65
N ARG A 108 -6.56 -37.98 4.52
CA ARG A 108 -7.05 -38.74 3.41
C ARG A 108 -7.22 -40.12 3.98
N THR A 109 -7.71 -41.06 3.18
CA THR A 109 -7.89 -42.41 3.72
C THR A 109 -6.54 -43.09 3.86
N VAL A 110 -6.51 -44.13 4.70
CA VAL A 110 -5.29 -44.89 4.89
C VAL A 110 -4.84 -45.54 3.61
N ALA A 111 -3.54 -45.44 3.31
CA ALA A 111 -2.97 -46.08 2.14
C ALA A 111 -1.67 -46.75 2.56
N ALA A 112 -1.59 -48.07 2.37
CA ALA A 112 -0.38 -48.80 2.72
C ALA A 112 0.72 -48.51 1.70
N PRO A 113 1.98 -48.48 2.16
CA PRO A 113 3.05 -48.25 1.20
C PRO A 113 3.31 -49.40 0.27
N SER A 114 3.81 -49.10 -0.92
CA SER A 114 4.35 -50.10 -1.82
C SER A 114 5.84 -50.12 -1.46
N VAL A 115 6.41 -51.28 -1.23
CA VAL A 115 7.80 -51.35 -0.76
C VAL A 115 8.72 -51.91 -1.82
N PHE A 116 9.89 -51.29 -2.01
CA PHE A 116 10.88 -51.74 -2.99
C PHE A 116 12.24 -51.74 -2.31
N ILE A 117 13.08 -52.69 -2.66
CA ILE A 117 14.41 -52.77 -2.10
C ILE A 117 15.46 -52.72 -3.21
N PHE A 118 16.60 -52.10 -2.96
CA PHE A 118 17.67 -51.97 -3.98
C PHE A 118 18.99 -52.36 -3.37
N PRO A 119 19.69 -53.31 -4.00
CA PRO A 119 21.03 -53.64 -3.55
C PRO A 119 21.97 -52.49 -3.90
N PRO A 120 23.15 -52.45 -3.29
CA PRO A 120 24.10 -51.42 -3.72
C PRO A 120 24.62 -51.76 -5.13
N SER A 121 25.11 -50.76 -5.83
CA SER A 121 25.64 -50.94 -7.18
C SER A 121 27.08 -51.43 -7.07
N ASP A 122 27.54 -52.12 -8.12
CA ASP A 122 28.94 -52.54 -8.14
C ASP A 122 29.88 -51.34 -8.13
N GLU A 123 29.49 -50.24 -8.78
CA GLU A 123 30.34 -49.05 -8.79
C GLU A 123 30.55 -48.52 -7.37
N GLN A 124 29.49 -48.54 -6.56
CA GLN A 124 29.70 -48.03 -5.20
C GLN A 124 30.59 -48.98 -4.40
N LEU A 125 30.34 -50.26 -4.54
CA LEU A 125 31.09 -51.22 -3.74
C LEU A 125 32.60 -51.05 -3.90
N LYS A 126 33.02 -50.70 -5.12
CA LYS A 126 34.44 -50.51 -5.42
C LYS A 126 35.05 -49.48 -4.49
N SER A 127 34.23 -48.54 -4.03
CA SER A 127 34.74 -47.44 -3.19
C SER A 127 34.85 -47.76 -1.71
N GLY A 128 34.36 -48.92 -1.29
CA GLY A 128 34.49 -49.33 0.11
C GLY A 128 33.20 -49.26 0.92
N THR A 129 32.13 -48.82 0.30
CA THR A 129 30.84 -48.67 1.01
C THR A 129 29.72 -49.26 0.20
N ALA A 130 28.71 -49.73 0.91
CA ALA A 130 27.53 -50.32 0.30
C ALA A 130 26.30 -49.62 0.93
N SER A 131 25.47 -48.99 0.10
CA SER A 131 24.23 -48.42 0.60
C SER A 131 23.15 -49.32 0.10
N VAL A 132 22.32 -49.84 1.01
CA VAL A 132 21.19 -50.65 0.59
C VAL A 132 19.99 -49.79 0.82
N VAL A 133 19.13 -49.67 -0.19
CA VAL A 133 17.98 -48.79 -0.05
C VAL A 133 16.62 -49.47 -0.04
N CYS A 134 15.77 -49.04 0.89
CA CYS A 134 14.38 -49.50 0.97
C CYS A 134 13.44 -48.29 0.73
N LEU A 135 12.54 -48.40 -0.25
CA LEU A 135 11.61 -47.32 -0.60
C LEU A 135 10.18 -47.67 -0.19
N LEU A 136 9.50 -46.78 0.51
CA LEU A 136 8.10 -46.98 0.88
C LEU A 136 7.42 -45.89 0.07
N ASN A 137 6.61 -46.29 -0.89
CA ASN A 137 6.02 -45.32 -1.79
C ASN A 137 4.55 -45.07 -1.61
N ASN A 138 4.22 -43.79 -1.61
CA ASN A 138 2.88 -43.27 -1.62
C ASN A 138 1.96 -43.88 -0.56
N PHE A 139 2.20 -43.54 0.70
CA PHE A 139 1.41 -44.04 1.82
C PHE A 139 0.86 -42.94 2.67
N TYR A 140 -0.14 -43.30 3.48
CA TYR A 140 -0.78 -42.36 4.37
C TYR A 140 -1.42 -43.18 5.54
N PRO A 141 -1.21 -42.79 6.80
CA PRO A 141 -0.53 -41.60 7.32
C PRO A 141 0.99 -41.67 7.28
N ARG A 142 1.64 -40.59 7.70
CA ARG A 142 3.10 -40.48 7.62
C ARG A 142 3.86 -41.49 8.46
N GLU A 143 3.29 -41.85 9.60
CA GLU A 143 4.01 -42.77 10.48
C GLU A 143 4.24 -44.15 9.86
N ALA A 144 5.47 -44.63 9.92
CA ALA A 144 5.82 -45.95 9.43
C ALA A 144 7.08 -46.43 10.12
N LYS A 145 7.20 -47.73 10.30
CA LYS A 145 8.38 -48.29 10.96
C LYS A 145 9.13 -49.17 9.94
N VAL A 146 10.43 -48.96 9.80
CA VAL A 146 11.20 -49.79 8.86
C VAL A 146 12.37 -50.41 9.64
N GLN A 147 12.51 -51.72 9.62
CA GLN A 147 13.63 -52.36 10.35
C GLN A 147 14.43 -53.11 9.30
N TRP A 148 15.73 -53.16 9.49
CA TRP A 148 16.54 -53.90 8.54
C TRP A 148 17.03 -55.19 9.19
N LYS A 149 17.14 -56.23 8.38
CA LYS A 149 17.70 -57.51 8.85
C LYS A 149 18.74 -57.98 7.83
N VAL A 150 19.90 -58.35 8.34
CA VAL A 150 21.00 -58.92 7.52
C VAL A 150 21.20 -60.36 7.99
N ASP A 151 21.05 -61.33 7.11
CA ASP A 151 21.13 -62.74 7.55
C ASP A 151 20.22 -63.00 8.77
N ASN A 152 18.97 -62.54 8.68
CA ASN A 152 17.95 -62.65 9.73
C ASN A 152 18.25 -61.93 11.04
N ALA A 153 19.32 -61.16 11.12
CA ALA A 153 19.64 -60.47 12.37
C ALA A 153 19.18 -59.00 12.30
N LEU A 154 18.41 -58.53 13.27
CA LEU A 154 17.96 -57.14 13.30
C LEU A 154 19.15 -56.17 13.43
N GLN A 155 19.18 -55.14 12.57
CA GLN A 155 20.26 -54.15 12.62
C GLN A 155 19.89 -52.95 13.46
N SER A 156 20.90 -52.22 13.91
CA SER A 156 20.65 -51.04 14.72
C SER A 156 21.80 -50.05 14.54
N GLY A 157 21.47 -48.78 14.37
CA GLY A 157 22.47 -47.73 14.26
C GLY A 157 23.12 -47.47 12.92
N ASN A 158 22.80 -48.30 11.92
CA ASN A 158 23.44 -48.15 10.61
C ASN A 158 22.43 -47.79 9.50
N SER A 159 21.31 -47.16 9.85
CA SER A 159 20.30 -46.77 8.84
C SER A 159 19.73 -45.38 9.13
N GLN A 160 19.25 -44.71 8.08
CA GLN A 160 18.69 -43.33 8.21
C GLN A 160 17.48 -43.27 7.28
N GLU A 161 16.47 -42.54 7.69
CA GLU A 161 15.24 -42.38 6.90
C GLU A 161 15.09 -40.95 6.44
N SER A 162 14.47 -40.79 5.29
CA SER A 162 14.11 -39.45 4.78
C SER A 162 12.70 -39.58 4.24
N VAL A 163 11.87 -38.57 4.49
CA VAL A 163 10.48 -38.57 4.08
C VAL A 163 10.16 -37.31 3.23
N THR A 164 9.35 -37.49 2.20
CA THR A 164 8.94 -36.34 1.37
C THR A 164 7.88 -35.53 2.12
N GLU A 165 7.59 -34.33 1.61
CA GLU A 165 6.49 -33.56 2.10
C GLU A 165 5.21 -34.18 1.45
N GLN A 166 4.07 -33.92 2.03
CA GLN A 166 2.81 -34.48 1.54
C GLN A 166 2.53 -34.11 0.08
N ASP A 167 2.18 -35.09 -0.75
CA ASP A 167 1.96 -34.87 -2.17
C ASP A 167 0.76 -33.93 -2.37
N SER A 168 0.89 -33.02 -3.34
CA SER A 168 -0.18 -32.03 -3.56
C SER A 168 -1.42 -32.62 -4.25
N LYS A 169 -1.22 -33.66 -5.04
CA LYS A 169 -2.31 -34.29 -5.78
C LYS A 169 -2.99 -35.42 -4.98
N ASP A 170 -2.20 -36.35 -4.46
CA ASP A 170 -2.75 -37.54 -3.77
C ASP A 170 -2.64 -37.57 -2.24
N SER A 171 -2.07 -36.50 -1.68
CA SER A 171 -1.96 -36.39 -0.23
C SER A 171 -1.14 -37.47 0.47
N THR A 172 -0.30 -38.20 -0.26
CA THR A 172 0.53 -39.27 0.35
C THR A 172 1.95 -38.78 0.63
N TYR A 173 2.71 -39.65 1.30
CA TYR A 173 4.12 -39.43 1.59
C TYR A 173 4.91 -40.57 0.97
N SER A 174 6.21 -40.35 0.78
CA SER A 174 7.13 -41.43 0.39
C SER A 174 8.31 -41.33 1.36
N LEU A 175 8.97 -42.45 1.60
CA LEU A 175 10.05 -42.52 2.56
C LEU A 175 11.15 -43.42 2.01
N SER A 176 12.40 -43.03 2.25
CA SER A 176 13.52 -43.89 1.89
C SER A 176 14.20 -44.28 3.21
N SER A 177 14.63 -45.54 3.30
CA SER A 177 15.41 -45.95 4.44
C SER A 177 16.68 -46.50 3.81
N THR A 178 17.82 -45.99 4.26
CA THR A 178 19.11 -46.39 3.72
C THR A 178 20.00 -47.04 4.79
N LEU A 179 20.41 -48.27 4.52
CA LEU A 179 21.32 -49.04 5.39
C LEU A 179 22.73 -48.85 4.81
N THR A 180 23.65 -48.37 5.64
CA THR A 180 25.01 -48.17 5.13
C THR A 180 25.95 -49.14 5.84
N LEU A 181 26.68 -49.94 5.07
CA LEU A 181 27.65 -50.90 5.60
C LEU A 181 28.96 -50.75 4.85
N SER A 182 30.03 -51.31 5.39
CA SER A 182 31.32 -51.38 4.66
C SER A 182 31.16 -52.41 3.56
N LYS A 183 32.00 -52.34 2.53
CA LYS A 183 32.03 -53.32 1.45
C LYS A 183 32.35 -54.70 2.04
N ALA A 184 33.23 -54.73 3.02
CA ALA A 184 33.65 -55.99 3.66
C ALA A 184 32.47 -56.65 4.37
N ASP A 185 31.69 -55.87 5.14
CA ASP A 185 30.50 -56.40 5.79
C ASP A 185 29.46 -56.81 4.79
N TYR A 186 29.22 -55.98 3.78
CA TYR A 186 28.27 -56.35 2.75
C TYR A 186 28.65 -57.72 2.16
N GLU A 187 29.93 -57.86 1.83
CA GLU A 187 30.43 -59.08 1.21
C GLU A 187 30.37 -60.34 2.07
N LYS A 188 30.29 -60.16 3.38
CA LYS A 188 30.24 -61.29 4.33
C LYS A 188 28.85 -61.89 4.48
N HIS A 189 27.83 -61.17 4.07
CA HIS A 189 26.47 -61.66 4.29
C HIS A 189 25.70 -61.87 3.05
N LYS A 190 24.60 -62.61 3.16
CA LYS A 190 23.84 -62.93 1.97
C LYS A 190 22.44 -62.35 1.86
N VAL A 191 21.66 -62.39 2.93
CA VAL A 191 20.28 -61.97 2.86
C VAL A 191 20.10 -60.58 3.45
N TYR A 192 19.52 -59.69 2.66
CA TYR A 192 19.28 -58.29 3.05
C TYR A 192 17.80 -58.02 2.94
N ALA A 193 17.19 -57.60 4.04
CA ALA A 193 15.74 -57.40 4.06
C ALA A 193 15.32 -56.15 4.81
N CYS A 194 14.27 -55.51 4.36
CA CYS A 194 13.67 -54.41 5.09
C CYS A 194 12.25 -54.83 5.38
N GLU A 195 11.87 -54.59 6.61
CA GLU A 195 10.59 -55.00 7.12
C GLU A 195 9.81 -53.79 7.50
N VAL A 196 8.63 -53.66 6.93
CA VAL A 196 7.83 -52.46 7.08
C VAL A 196 6.54 -52.71 7.85
N THR A 197 6.24 -51.83 8.79
CA THR A 197 4.93 -51.88 9.46
C THR A 197 4.29 -50.52 9.30
N HIS A 198 2.97 -50.51 9.15
CA HIS A 198 2.31 -49.23 8.87
C HIS A 198 0.84 -49.43 9.23
N GLN A 199 0.16 -48.37 9.60
CA GLN A 199 -1.26 -48.44 9.98
C GLN A 199 -2.11 -49.18 8.94
N GLY A 200 -1.72 -49.11 7.67
CA GLY A 200 -2.47 -49.71 6.59
C GLY A 200 -2.14 -51.15 6.25
N LEU A 201 -1.17 -51.72 6.97
CA LEU A 201 -0.74 -53.10 6.67
C LEU A 201 -1.23 -53.98 7.83
N SER A 202 -1.88 -55.08 7.54
CA SER A 202 -2.39 -55.93 8.66
C SER A 202 -1.32 -56.83 9.22
N SER A 203 -0.29 -57.07 8.41
CA SER A 203 0.90 -57.83 8.84
C SER A 203 2.11 -57.10 8.21
N PRO A 204 3.28 -57.13 8.88
CA PRO A 204 4.48 -56.45 8.33
C PRO A 204 4.83 -56.97 6.93
N VAL A 205 5.36 -56.09 6.09
CA VAL A 205 5.74 -56.48 4.74
C VAL A 205 7.26 -56.49 4.67
N THR A 206 7.84 -57.58 4.16
CA THR A 206 9.29 -57.70 4.07
C THR A 206 9.72 -57.82 2.61
N LYS A 207 10.68 -56.99 2.20
CA LYS A 207 11.22 -57.12 0.84
C LYS A 207 12.65 -57.55 1.07
N SER A 208 13.18 -58.47 0.28
CA SER A 208 14.55 -58.90 0.50
C SER A 208 15.23 -59.35 -0.76
N PHE A 209 16.55 -59.50 -0.69
CA PHE A 209 17.32 -60.01 -1.83
C PHE A 209 18.50 -60.73 -1.23
N ASN A 210 19.09 -61.63 -2.01
CA ASN A 210 20.27 -62.37 -1.60
C ASN A 210 21.39 -61.71 -2.39
N ARG A 211 22.50 -61.39 -1.75
CA ARG A 211 23.61 -60.71 -2.42
C ARG A 211 24.08 -61.48 -3.65
N GLY A 212 24.29 -60.74 -4.75
CA GLY A 212 24.76 -61.29 -6.02
C GLY A 212 23.94 -62.49 -6.43
N GLU A 213 22.72 -62.21 -6.88
CA GLU A 213 21.81 -63.29 -7.28
C GLU A 213 20.47 -62.68 -7.65
N GLU B 1 6.28 -11.62 -20.04
CA GLU B 1 5.97 -12.34 -18.79
C GLU B 1 6.97 -11.94 -17.71
N VAL B 2 6.48 -11.76 -16.49
CA VAL B 2 7.38 -11.35 -15.38
C VAL B 2 8.29 -12.48 -14.94
N GLN B 3 9.57 -12.15 -14.72
CA GLN B 3 10.54 -13.13 -14.22
C GLN B 3 11.47 -12.32 -13.29
N LEU B 4 11.85 -12.94 -12.19
CA LEU B 4 12.88 -12.43 -11.26
C LEU B 4 13.82 -13.62 -11.20
N GLN B 5 14.95 -13.56 -11.91
CA GLN B 5 15.83 -14.71 -11.97
C GLN B 5 17.02 -14.43 -11.09
N GLN B 6 17.16 -15.23 -10.04
CA GLN B 6 18.27 -15.02 -9.10
C GLN B 6 19.44 -15.82 -9.47
N SER B 7 20.61 -15.40 -8.97
CA SER B 7 21.83 -16.11 -9.22
C SER B 7 21.91 -17.44 -8.43
N GLY B 8 22.85 -18.27 -8.82
CA GLY B 8 23.06 -19.63 -8.30
C GLY B 8 23.50 -19.72 -6.83
N PRO B 9 23.43 -20.92 -6.25
CA PRO B 9 23.80 -21.15 -4.85
C PRO B 9 25.27 -20.81 -4.66
N GLU B 10 25.64 -20.48 -3.42
CA GLU B 10 27.04 -20.06 -3.16
C GLU B 10 27.57 -20.65 -1.86
N LEU B 11 28.78 -21.19 -1.89
CA LEU B 11 29.46 -21.65 -0.65
C LEU B 11 30.45 -20.51 -0.35
N VAL B 12 30.37 -19.95 0.84
CA VAL B 12 31.18 -18.79 1.22
C VAL B 12 31.97 -19.09 2.48
N LYS B 13 33.23 -18.66 2.52
CA LYS B 13 34.04 -18.82 3.77
C LYS B 13 33.61 -17.84 4.86
N PRO B 14 33.69 -18.27 6.13
CA PRO B 14 33.34 -17.35 7.21
C PRO B 14 34.29 -16.11 7.13
N GLY B 15 33.72 -14.92 7.35
CA GLY B 15 34.47 -13.68 7.24
C GLY B 15 34.46 -13.05 5.86
N ALA B 16 34.20 -13.85 4.81
CA ALA B 16 34.19 -13.34 3.43
C ALA B 16 32.85 -12.66 3.14
N SER B 17 32.69 -12.12 1.94
CA SER B 17 31.44 -11.46 1.56
C SER B 17 30.92 -12.21 0.34
N VAL B 18 29.66 -11.98 -0.03
CA VAL B 18 29.12 -12.62 -1.26
C VAL B 18 28.15 -11.61 -1.87
N LYS B 19 28.07 -11.60 -3.20
CA LYS B 19 27.13 -10.68 -3.82
C LYS B 19 26.25 -11.52 -4.73
N MET B 20 24.94 -11.41 -4.58
CA MET B 20 24.00 -12.19 -5.40
C MET B 20 23.12 -11.22 -6.20
N SER B 21 22.53 -11.72 -7.29
CA SER B 21 21.79 -10.86 -8.18
C SER B 21 20.38 -11.39 -8.44
N CYS B 22 19.54 -10.49 -8.90
CA CYS B 22 18.11 -10.78 -9.20
C CYS B 22 17.78 -10.00 -10.51
N LYS B 23 17.81 -10.69 -11.65
CA LYS B 23 17.56 -10.07 -12.95
C LYS B 23 16.07 -10.06 -13.21
N ALA B 24 15.54 -8.87 -13.45
CA ALA B 24 14.10 -8.65 -13.59
C ALA B 24 13.73 -8.50 -15.07
N SER B 25 12.60 -9.05 -15.47
CA SER B 25 12.13 -8.89 -16.85
C SER B 25 10.63 -8.83 -16.82
N GLY B 26 10.08 -8.31 -17.90
CA GLY B 26 8.64 -8.31 -18.14
C GLY B 26 7.83 -7.21 -17.50
N TYR B 27 8.50 -6.19 -16.94
CA TYR B 27 7.81 -5.07 -16.31
C TYR B 27 8.81 -3.91 -16.24
N THR B 28 8.32 -2.72 -15.92
CA THR B 28 9.20 -1.55 -15.87
C THR B 28 10.00 -1.55 -14.55
N PHE B 29 11.27 -1.83 -14.67
CA PHE B 29 12.14 -2.00 -13.49
C PHE B 29 12.02 -0.86 -12.49
N THR B 30 12.01 0.38 -12.99
CA THR B 30 11.95 1.51 -12.09
C THR B 30 10.57 1.82 -11.50
N SER B 31 9.56 1.06 -11.88
CA SER B 31 8.20 1.31 -11.41
C SER B 31 7.86 0.67 -10.05
N ASN B 32 8.74 -0.20 -9.55
CA ASN B 32 8.48 -0.90 -8.27
C ASN B 32 9.75 -0.86 -7.44
N VAL B 33 9.68 -1.08 -6.13
CA VAL B 33 10.93 -1.25 -5.36
C VAL B 33 11.26 -2.77 -5.43
N MET B 34 12.46 -3.15 -4.99
CA MET B 34 12.83 -4.56 -4.98
C MET B 34 13.22 -4.88 -3.55
N HIS B 35 12.48 -5.80 -2.92
CA HIS B 35 12.75 -6.22 -1.56
C HIS B 35 13.67 -7.46 -1.57
N TRP B 36 14.33 -7.69 -0.43
CA TRP B 36 15.14 -8.92 -0.24
C TRP B 36 14.69 -9.50 1.11
N VAL B 37 14.61 -10.84 1.15
CA VAL B 37 14.03 -11.53 2.29
C VAL B 37 14.89 -12.74 2.56
N LYS B 38 15.12 -13.01 3.84
CA LYS B 38 15.93 -14.16 4.24
C LYS B 38 15.07 -15.26 4.81
N GLN B 39 15.37 -16.52 4.50
CA GLN B 39 14.60 -17.58 5.14
C GLN B 39 15.55 -18.74 5.49
N LYS B 40 15.76 -18.96 6.79
CA LYS B 40 16.58 -20.10 7.21
C LYS B 40 15.88 -21.43 6.94
N PRO B 41 16.66 -22.46 6.56
CA PRO B 41 16.06 -23.76 6.20
C PRO B 41 15.07 -24.26 7.23
N GLY B 42 13.82 -24.48 6.78
CA GLY B 42 12.71 -24.92 7.61
C GLY B 42 12.21 -23.90 8.63
N GLN B 43 12.50 -22.62 8.43
CA GLN B 43 12.06 -21.58 9.34
C GLN B 43 11.29 -20.47 8.62
N GLY B 44 10.97 -19.41 9.36
CA GLY B 44 10.20 -18.28 8.88
C GLY B 44 10.97 -17.28 8.01
N LEU B 45 10.26 -16.23 7.63
CA LEU B 45 10.72 -15.22 6.69
C LEU B 45 11.08 -13.92 7.40
N GLU B 46 12.19 -13.29 6.99
CA GLU B 46 12.57 -12.00 7.57
C GLU B 46 12.87 -11.02 6.44
N TRP B 47 12.33 -9.81 6.54
CA TRP B 47 12.59 -8.81 5.51
C TRP B 47 13.94 -8.12 5.83
N ILE B 48 14.77 -8.00 4.80
CA ILE B 48 16.10 -7.39 4.90
C ILE B 48 16.07 -5.90 4.58
N GLY B 49 15.41 -5.57 3.46
CA GLY B 49 15.40 -4.18 3.03
C GLY B 49 14.94 -4.08 1.58
N TYR B 50 14.86 -2.87 1.05
CA TYR B 50 14.59 -2.76 -0.36
C TYR B 50 15.41 -1.62 -0.95
N ILE B 51 15.50 -1.66 -2.27
CA ILE B 51 16.07 -0.58 -3.06
C ILE B 51 14.99 -0.05 -3.99
N ASN B 52 15.05 1.24 -4.30
CA ASN B 52 14.14 1.87 -5.26
C ASN B 52 15.04 2.23 -6.46
N PRO B 53 14.97 1.46 -7.55
CA PRO B 53 15.97 1.69 -8.61
C PRO B 53 16.06 3.10 -9.20
N TYR B 54 14.92 3.80 -9.29
CA TYR B 54 14.95 5.13 -9.91
C TYR B 54 16.00 6.04 -9.28
N ASN B 55 16.02 6.09 -7.96
CA ASN B 55 16.92 7.01 -7.28
C ASN B 55 17.99 6.30 -6.44
N ASP B 56 18.00 4.97 -6.49
CA ASP B 56 18.92 4.18 -5.69
C ASP B 56 18.70 4.33 -4.19
N GLY B 57 17.53 4.79 -3.80
CA GLY B 57 17.21 4.95 -2.39
C GLY B 57 16.99 3.58 -1.79
N THR B 58 17.45 3.39 -0.56
CA THR B 58 17.33 2.08 0.13
C THR B 58 16.64 2.24 1.47
N LYS B 59 16.10 1.16 2.00
CA LYS B 59 15.52 1.20 3.34
C LYS B 59 15.85 -0.16 3.90
N TYR B 60 16.46 -0.20 5.09
CA TYR B 60 16.86 -1.47 5.69
C TYR B 60 16.10 -1.84 6.94
N ASN B 61 16.02 -3.13 7.19
CA ASN B 61 15.55 -3.60 8.47
C ASN B 61 16.76 -3.28 9.42
N GLU B 62 16.54 -2.66 10.59
CA GLU B 62 17.70 -2.37 11.47
C GLU B 62 18.55 -3.60 11.76
N LYS B 63 17.93 -4.76 11.85
CA LYS B 63 18.66 -6.00 12.13
C LYS B 63 19.73 -6.32 11.05
N PHE B 64 19.53 -5.82 9.84
CA PHE B 64 20.48 -6.14 8.73
C PHE B 64 21.36 -4.99 8.31
N LYS B 65 21.20 -3.82 8.92
CA LYS B 65 22.08 -2.68 8.53
C LYS B 65 23.54 -3.08 8.73
N GLY B 66 24.43 -2.77 7.81
CA GLY B 66 25.77 -3.27 8.08
C GLY B 66 26.04 -4.76 7.84
N LYS B 67 25.03 -5.54 7.51
CA LYS B 67 25.28 -6.94 7.13
C LYS B 67 24.97 -6.95 5.60
N ALA B 68 23.99 -6.15 5.18
CA ALA B 68 23.51 -6.15 3.78
C ALA B 68 23.67 -4.80 3.09
N THR B 69 24.05 -4.85 1.82
CA THR B 69 24.14 -3.64 1.00
C THR B 69 23.37 -3.91 -0.32
N LEU B 70 22.33 -3.13 -0.56
CA LEU B 70 21.51 -3.33 -1.77
C LEU B 70 21.92 -2.29 -2.82
N THR B 71 22.03 -2.74 -4.08
CA THR B 71 22.32 -1.87 -5.20
C THR B 71 21.48 -2.32 -6.39
N SER B 72 21.44 -1.49 -7.42
CA SER B 72 20.74 -1.88 -8.63
C SER B 72 21.43 -1.31 -9.83
N ASP B 73 21.27 -1.98 -10.96
CA ASP B 73 21.83 -1.51 -12.23
C ASP B 73 20.67 -1.37 -13.21
N LYS B 74 20.24 -0.15 -13.44
CA LYS B 74 19.12 0.07 -14.34
C LYS B 74 19.43 -0.39 -15.76
N SER B 75 20.68 -0.29 -16.19
CA SER B 75 21.05 -0.69 -17.57
C SER B 75 20.77 -2.16 -17.87
N SER B 76 20.78 -2.99 -16.83
CA SER B 76 20.50 -4.40 -17.06
C SER B 76 19.25 -4.85 -16.29
N SER B 77 18.55 -3.91 -15.62
CA SER B 77 17.36 -4.23 -14.82
C SER B 77 17.73 -5.32 -13.82
N THR B 78 18.88 -5.16 -13.13
CA THR B 78 19.29 -6.17 -12.15
C THR B 78 19.48 -5.54 -10.78
N ALA B 79 18.91 -6.20 -9.77
CA ALA B 79 19.07 -5.78 -8.38
C ALA B 79 20.12 -6.72 -7.76
N TYR B 80 20.93 -6.20 -6.83
CA TYR B 80 21.99 -6.99 -6.22
C TYR B 80 21.93 -6.83 -4.71
N MET B 81 22.41 -7.85 -4.00
CA MET B 81 22.55 -7.75 -2.57
C MET B 81 23.91 -8.33 -2.25
N GLU B 82 24.68 -7.60 -1.46
CA GLU B 82 25.97 -8.09 -1.01
C GLU B 82 25.86 -8.27 0.49
N LEU B 83 26.31 -9.42 0.98
CA LEU B 83 26.32 -9.65 2.43
C LEU B 83 27.76 -9.69 2.88
N SER B 84 28.06 -9.00 3.96
CA SER B 84 29.46 -8.82 4.43
C SER B 84 29.76 -9.62 5.69
N SER B 85 31.05 -9.85 5.95
CA SER B 85 31.56 -10.59 7.14
C SER B 85 30.70 -11.75 7.58
N LEU B 86 30.56 -12.73 6.71
CA LEU B 86 29.58 -13.79 6.92
C LEU B 86 29.89 -14.73 8.06
N THR B 87 28.84 -15.22 8.73
CA THR B 87 29.01 -16.26 9.74
C THR B 87 27.97 -17.34 9.41
N SER B 88 28.01 -18.48 10.11
CA SER B 88 27.02 -19.53 9.89
C SER B 88 25.58 -19.01 10.05
N GLU B 89 25.40 -17.97 10.83
CA GLU B 89 24.08 -17.37 10.99
C GLU B 89 23.50 -16.83 9.67
N ASP B 90 24.38 -16.54 8.71
CA ASP B 90 23.95 -16.01 7.41
C ASP B 90 23.59 -17.12 6.40
N SER B 91 23.82 -18.38 6.75
CA SER B 91 23.44 -19.51 5.85
C SER B 91 21.91 -19.49 5.75
N ALA B 92 21.39 -19.39 4.53
CA ALA B 92 19.92 -19.32 4.37
C ALA B 92 19.59 -19.21 2.90
N VAL B 93 18.30 -19.29 2.61
CA VAL B 93 17.85 -18.95 1.26
C VAL B 93 17.53 -17.46 1.31
N TYR B 94 17.94 -16.76 0.29
CA TYR B 94 17.62 -15.32 0.16
C TYR B 94 16.76 -15.15 -1.09
N TYR B 95 15.63 -14.44 -0.93
CA TYR B 95 14.73 -14.13 -2.07
C TYR B 95 14.80 -12.66 -2.42
N CYS B 96 14.54 -12.33 -3.69
CA CYS B 96 14.20 -10.96 -4.09
C CYS B 96 12.70 -10.96 -4.40
N ALA B 97 12.03 -9.83 -4.19
CA ALA B 97 10.61 -9.78 -4.48
C ALA B 97 10.24 -8.35 -4.93
N ARG B 98 9.31 -8.22 -5.88
CA ARG B 98 8.80 -6.89 -6.23
C ARG B 98 7.88 -6.47 -5.06
N ASN B 99 7.24 -5.31 -5.20
CA ASN B 99 6.21 -4.84 -4.27
C ASN B 99 5.34 -6.01 -3.83
N TRP B 100 5.07 -6.09 -2.52
CA TRP B 100 4.39 -7.25 -1.94
C TRP B 100 3.10 -7.58 -2.63
N ASP B 101 2.36 -6.54 -2.97
CA ASP B 101 1.01 -6.72 -3.53
C ASP B 101 0.93 -7.11 -5.00
N VAL B 102 2.07 -7.25 -5.69
CA VAL B 102 2.04 -7.66 -7.10
C VAL B 102 2.38 -9.13 -7.27
N ALA B 103 2.63 -9.82 -6.17
CA ALA B 103 2.84 -11.27 -6.18
C ALA B 103 3.95 -11.88 -7.06
N TYR B 104 5.15 -11.32 -7.05
CA TYR B 104 6.21 -11.96 -7.83
C TYR B 104 7.46 -11.97 -6.94
N TRP B 105 7.98 -13.17 -6.69
CA TRP B 105 9.26 -13.36 -5.91
C TRP B 105 10.19 -14.14 -6.82
N GLY B 106 11.50 -14.02 -6.62
CA GLY B 106 12.49 -14.80 -7.33
C GLY B 106 12.43 -16.21 -6.76
N GLN B 107 13.20 -17.12 -7.33
CA GLN B 107 13.20 -18.51 -6.87
C GLN B 107 14.13 -18.78 -5.66
N GLY B 108 14.90 -17.77 -5.22
CA GLY B 108 15.78 -17.95 -4.05
C GLY B 108 17.21 -18.34 -4.45
N THR B 109 18.17 -17.88 -3.64
CA THR B 109 19.61 -18.19 -3.78
C THR B 109 20.03 -18.76 -2.41
N LEU B 110 20.54 -19.98 -2.40
CA LEU B 110 20.93 -20.63 -1.14
C LEU B 110 22.41 -20.36 -0.86
N VAL B 111 22.66 -19.69 0.25
CA VAL B 111 24.04 -19.35 0.64
C VAL B 111 24.43 -20.25 1.81
N THR B 112 25.54 -20.97 1.68
CA THR B 112 26.06 -21.78 2.78
C THR B 112 27.40 -21.15 3.24
N VAL B 113 27.47 -20.74 4.50
CA VAL B 113 28.74 -20.16 5.04
C VAL B 113 29.43 -21.26 5.84
N SER B 114 30.56 -21.74 5.34
CA SER B 114 31.26 -22.83 6.02
C SER B 114 32.71 -22.74 5.65
N ALA B 115 33.57 -23.29 6.51
CA ALA B 115 35.01 -23.41 6.20
C ALA B 115 35.27 -24.71 5.46
N ALA B 116 34.29 -25.60 5.41
CA ALA B 116 34.45 -26.88 4.69
C ALA B 116 34.53 -26.66 3.18
N SER B 117 35.27 -27.50 2.49
CA SER B 117 35.48 -27.38 1.04
C SER B 117 34.31 -27.98 0.25
N THR B 118 34.09 -27.48 -0.94
CA THR B 118 33.04 -28.00 -1.81
C THR B 118 33.44 -29.38 -2.28
N LYS B 119 32.45 -30.24 -2.46
CA LYS B 119 32.66 -31.59 -2.95
C LYS B 119 31.50 -32.00 -3.81
N GLY B 120 31.76 -32.40 -5.04
CA GLY B 120 30.68 -32.85 -5.92
C GLY B 120 30.21 -34.24 -5.57
N PRO B 121 28.97 -34.58 -5.98
CA PRO B 121 28.40 -35.87 -5.58
C PRO B 121 28.89 -37.03 -6.42
N SER B 122 28.85 -38.23 -5.84
CA SER B 122 29.06 -39.46 -6.62
C SER B 122 27.61 -39.89 -6.89
N VAL B 123 27.33 -40.44 -8.06
CA VAL B 123 25.96 -40.80 -8.41
C VAL B 123 25.90 -42.27 -8.75
N PHE B 124 25.09 -43.04 -8.01
CA PHE B 124 24.96 -44.50 -8.22
C PHE B 124 23.54 -44.89 -8.58
N PRO B 125 23.40 -45.87 -9.48
CA PRO B 125 22.03 -46.25 -9.86
C PRO B 125 21.34 -47.08 -8.77
N LEU B 126 20.02 -46.96 -8.68
CA LEU B 126 19.18 -47.81 -7.83
C LEU B 126 18.43 -48.58 -8.92
N ALA B 127 18.99 -49.68 -9.36
CA ALA B 127 18.44 -50.37 -10.56
C ALA B 127 17.08 -51.08 -10.36
N PRO B 128 16.17 -50.99 -11.35
CA PRO B 128 14.91 -51.74 -11.23
C PRO B 128 15.23 -53.22 -11.08
N SER B 129 14.51 -53.86 -10.16
CA SER B 129 14.80 -55.25 -9.89
C SER B 129 14.24 -56.15 -10.91
N SER B 130 14.98 -57.22 -11.15
CA SER B 130 14.63 -58.26 -12.10
C SER B 130 13.44 -59.03 -11.55
N LYS B 131 13.40 -59.11 -10.22
CA LYS B 131 12.37 -59.80 -9.45
C LYS B 131 11.07 -59.01 -9.57
N THR B 133 9.17 -54.47 -8.32
CA THR B 133 8.16 -54.43 -9.38
C THR B 133 6.79 -54.96 -8.91
N SER B 134 5.74 -54.25 -9.33
CA SER B 134 4.30 -54.53 -9.10
C SER B 134 3.91 -55.95 -9.65
N GLY B 135 2.74 -56.21 -10.25
CA GLY B 135 1.61 -55.34 -10.56
C GLY B 135 1.81 -54.43 -11.78
N GLY B 136 2.91 -54.62 -12.51
CA GLY B 136 3.18 -53.80 -13.67
C GLY B 136 3.87 -52.45 -13.40
N THR B 137 4.21 -52.16 -12.16
CA THR B 137 4.91 -50.89 -11.82
C THR B 137 6.30 -51.22 -11.31
N ALA B 138 7.34 -50.57 -11.84
CA ALA B 138 8.72 -50.83 -11.38
C ALA B 138 9.26 -49.52 -10.76
N ALA B 139 10.19 -49.65 -9.83
CA ALA B 139 10.78 -48.44 -9.25
C ALA B 139 12.26 -48.45 -9.55
N LEU B 140 12.83 -47.28 -9.81
CA LEU B 140 14.26 -47.23 -10.04
C LEU B 140 14.71 -45.82 -9.58
N GLY B 141 16.00 -45.59 -9.47
CA GLY B 141 16.35 -44.24 -8.97
C GLY B 141 17.82 -44.02 -9.10
N CYS B 142 18.32 -42.98 -8.40
CA CYS B 142 19.75 -42.72 -8.33
C CYS B 142 20.02 -42.28 -6.91
N LEU B 143 21.15 -42.72 -6.36
CA LEU B 143 21.64 -42.34 -5.02
C LEU B 143 22.70 -41.26 -5.26
N VAL B 144 22.49 -40.08 -4.69
CA VAL B 144 23.38 -38.92 -4.91
C VAL B 144 24.09 -38.73 -3.58
N LYS B 145 25.34 -39.14 -3.55
CA LYS B 145 26.07 -39.33 -2.29
C LYS B 145 27.30 -38.48 -2.08
N ASP B 146 27.51 -38.04 -0.83
CA ASP B 146 28.73 -37.38 -0.41
C ASP B 146 29.04 -36.07 -1.10
N TYR B 147 28.14 -35.09 -0.99
CA TYR B 147 28.40 -33.78 -1.60
C TYR B 147 28.33 -32.68 -0.57
N PHE B 148 28.87 -31.52 -0.92
CA PHE B 148 28.81 -30.39 -0.01
C PHE B 148 29.09 -29.14 -0.80
N PRO B 149 28.32 -28.08 -0.54
CA PRO B 149 27.15 -27.93 0.32
C PRO B 149 25.88 -28.32 -0.49
N GLU B 150 24.73 -28.01 0.07
CA GLU B 150 23.46 -28.08 -0.63
C GLU B 150 23.47 -26.86 -1.58
N PRO B 151 22.73 -26.92 -2.71
CA PRO B 151 21.78 -27.98 -3.08
C PRO B 151 22.28 -28.73 -4.27
N VAL B 152 21.58 -29.81 -4.62
CA VAL B 152 21.77 -30.46 -5.92
C VAL B 152 20.44 -30.35 -6.61
N THR B 153 20.44 -30.45 -7.93
CA THR B 153 19.15 -30.55 -8.66
C THR B 153 19.21 -31.92 -9.33
N VAL B 154 18.07 -32.60 -9.38
CA VAL B 154 18.02 -33.90 -10.03
C VAL B 154 16.80 -33.84 -10.96
N SER B 155 16.98 -34.27 -12.19
CA SER B 155 15.85 -34.33 -13.14
C SER B 155 16.00 -35.70 -13.80
N TRP B 156 14.95 -36.18 -14.48
CA TRP B 156 15.03 -37.49 -15.11
C TRP B 156 14.77 -37.28 -16.61
N ASN B 157 15.57 -37.95 -17.44
CA ASN B 157 15.45 -37.93 -18.90
C ASN B 157 15.44 -36.50 -19.35
N SER B 158 16.41 -35.75 -18.82
CA SER B 158 16.58 -34.34 -19.15
C SER B 158 15.34 -33.50 -18.90
N GLY B 159 14.52 -33.88 -17.94
CA GLY B 159 13.33 -33.12 -17.61
C GLY B 159 12.05 -33.65 -18.31
N ALA B 160 12.18 -34.61 -19.21
CA ALA B 160 10.99 -35.20 -19.88
C ALA B 160 10.16 -36.12 -18.96
N LEU B 161 10.81 -36.71 -17.95
CA LEU B 161 10.11 -37.59 -16.99
C LEU B 161 9.86 -36.87 -15.68
N THR B 162 8.60 -36.57 -15.35
CA THR B 162 8.31 -35.86 -14.09
C THR B 162 7.28 -36.57 -13.22
N SER B 163 6.39 -37.31 -13.89
CA SER B 163 5.34 -37.99 -13.17
C SER B 163 5.92 -39.10 -12.32
N GLY B 164 5.45 -39.22 -11.08
CA GLY B 164 5.91 -40.29 -10.20
C GLY B 164 7.32 -40.13 -9.64
N VAL B 165 7.93 -38.98 -9.81
CA VAL B 165 9.32 -38.79 -9.30
C VAL B 165 9.27 -38.34 -7.83
N HIS B 166 10.12 -38.92 -6.98
CA HIS B 166 10.28 -38.41 -5.61
C HIS B 166 11.75 -38.15 -5.34
N THR B 167 12.11 -36.91 -5.04
CA THR B 167 13.52 -36.65 -4.74
C THR B 167 13.52 -36.31 -3.28
N PHE B 168 14.13 -37.18 -2.47
CA PHE B 168 14.12 -37.01 -1.03
C PHE B 168 14.98 -35.85 -0.51
N PRO B 169 14.61 -35.28 0.64
CA PRO B 169 15.47 -34.23 1.18
C PRO B 169 16.84 -34.84 1.55
N ALA B 170 17.89 -34.04 1.41
CA ALA B 170 19.21 -34.49 1.76
C ALA B 170 19.32 -34.62 3.26
N VAL B 171 20.16 -35.56 3.68
CA VAL B 171 20.48 -35.74 5.09
C VAL B 171 21.98 -35.48 5.24
N LEU B 172 22.36 -34.70 6.24
CA LEU B 172 23.76 -34.39 6.47
C LEU B 172 24.37 -35.56 7.26
N GLN B 173 25.39 -36.21 6.70
CA GLN B 173 25.98 -37.39 7.37
C GLN B 173 27.03 -36.98 8.41
N SER B 174 27.45 -37.94 9.24
CA SER B 174 28.45 -37.62 10.27
C SER B 174 29.76 -37.19 9.65
N SER B 175 29.94 -37.52 8.36
CA SER B 175 31.12 -37.07 7.66
C SER B 175 31.09 -35.59 7.37
N GLY B 176 29.94 -34.94 7.55
CA GLY B 176 29.84 -33.54 7.17
C GLY B 176 29.34 -33.39 5.72
N LEU B 177 29.11 -34.52 5.04
CA LEU B 177 28.63 -34.53 3.62
C LEU B 177 27.15 -34.92 3.50
N TYR B 178 26.48 -34.42 2.45
CA TYR B 178 25.04 -34.70 2.27
C TYR B 178 24.85 -35.88 1.36
N SER B 179 23.69 -36.49 1.45
CA SER B 179 23.33 -37.54 0.50
CA SER B 179 23.33 -37.58 0.53
C SER B 179 21.82 -37.63 0.34
N LEU B 180 21.37 -38.06 -0.81
CA LEU B 180 19.92 -38.20 -0.98
C LEU B 180 19.70 -39.20 -2.08
N SER B 181 18.49 -39.69 -2.23
CA SER B 181 18.13 -40.54 -3.36
C SER B 181 16.97 -39.86 -4.08
N SER B 182 16.89 -40.11 -5.38
CA SER B 182 15.76 -39.65 -6.17
C SER B 182 15.21 -40.95 -6.81
N VAL B 183 13.91 -41.13 -6.74
CA VAL B 183 13.34 -42.33 -7.33
C VAL B 183 12.19 -41.99 -8.23
N VAL B 184 11.80 -42.94 -9.05
CA VAL B 184 10.65 -42.69 -9.93
C VAL B 184 9.98 -44.06 -10.15
N THR B 185 8.66 -44.12 -10.28
CA THR B 185 8.03 -45.39 -10.64
C THR B 185 7.57 -45.31 -12.12
N VAL B 186 7.82 -46.39 -12.87
CA VAL B 186 7.52 -46.41 -14.33
C VAL B 186 6.81 -47.72 -14.69
N PRO B 187 6.26 -47.82 -15.91
CA PRO B 187 5.64 -49.10 -16.29
C PRO B 187 6.69 -50.17 -16.37
N SER B 188 6.46 -51.33 -15.76
CA SER B 188 7.49 -52.35 -15.84
C SER B 188 7.69 -52.82 -17.28
N SER B 189 6.66 -52.66 -18.10
CA SER B 189 6.76 -53.09 -19.50
C SER B 189 7.76 -52.23 -20.29
N SER B 190 8.02 -51.03 -19.79
CA SER B 190 8.89 -50.07 -20.46
C SER B 190 10.36 -50.31 -20.27
N LEU B 191 10.73 -51.17 -19.32
CA LEU B 191 12.15 -51.38 -19.01
C LEU B 191 13.12 -51.76 -20.10
N GLY B 192 12.69 -52.58 -21.05
CA GLY B 192 13.63 -53.01 -22.09
C GLY B 192 13.62 -52.03 -23.25
N THR B 193 12.69 -51.10 -23.22
CA THR B 193 12.49 -50.16 -24.30
C THR B 193 12.95 -48.74 -24.01
N GLN B 194 12.45 -48.20 -22.90
CA GLN B 194 12.69 -46.82 -22.51
C GLN B 194 13.93 -46.72 -21.64
N THR B 195 14.84 -45.83 -22.01
CA THR B 195 16.02 -45.62 -21.19
C THR B 195 15.67 -44.60 -20.09
N TYR B 196 16.35 -44.73 -18.95
CA TYR B 196 16.09 -43.84 -17.79
C TYR B 196 17.42 -43.30 -17.33
N ILE B 197 17.55 -42.00 -17.37
CA ILE B 197 18.82 -41.37 -16.99
C ILE B 197 18.51 -40.32 -15.90
N CYS B 198 19.27 -40.29 -14.81
CA CYS B 198 19.03 -39.21 -13.83
C CYS B 198 20.11 -38.14 -14.09
N ASN B 199 19.69 -36.89 -14.17
CA ASN B 199 20.58 -35.76 -14.42
C ASN B 199 20.80 -35.08 -13.09
N VAL B 200 22.06 -35.08 -12.67
CA VAL B 200 22.37 -34.50 -11.37
C VAL B 200 23.33 -33.32 -11.56
N ASN B 201 22.91 -32.16 -11.06
CA ASN B 201 23.76 -30.97 -11.14
CA ASN B 201 23.75 -30.98 -11.15
C ASN B 201 24.05 -30.44 -9.75
N HIS B 202 25.31 -30.14 -9.51
CA HIS B 202 25.75 -29.57 -8.21
C HIS B 202 26.57 -28.30 -8.59
N LYS B 203 25.92 -27.15 -8.60
CA LYS B 203 26.57 -25.92 -9.05
C LYS B 203 27.83 -25.55 -8.22
N PRO B 204 27.75 -25.70 -6.89
CA PRO B 204 28.99 -25.26 -6.18
C PRO B 204 30.29 -25.94 -6.60
N SER B 205 30.22 -27.14 -7.16
CA SER B 205 31.46 -27.82 -7.55
C SER B 205 31.51 -27.91 -9.07
N ASN B 206 30.57 -27.24 -9.72
CA ASN B 206 30.41 -27.36 -11.18
C ASN B 206 30.42 -28.80 -11.68
N THR B 207 29.64 -29.65 -11.00
CA THR B 207 29.59 -31.08 -11.32
C THR B 207 28.30 -31.32 -12.09
N LYS B 208 28.37 -32.08 -13.17
CA LYS B 208 27.17 -32.46 -13.93
C LYS B 208 27.33 -33.92 -14.21
N VAL B 209 26.34 -34.71 -13.79
CA VAL B 209 26.40 -36.13 -14.01
C VAL B 209 25.05 -36.57 -14.59
N ASP B 210 25.11 -37.34 -15.66
CA ASP B 210 23.92 -37.96 -16.25
C ASP B 210 24.13 -39.47 -16.15
N LYS B 211 23.40 -40.14 -15.27
CA LYS B 211 23.67 -41.55 -15.02
C LYS B 211 22.54 -42.41 -15.58
N LYS B 212 22.86 -43.31 -16.50
CA LYS B 212 21.80 -44.19 -17.07
C LYS B 212 21.50 -45.28 -16.05
N VAL B 213 20.24 -45.52 -15.76
CA VAL B 213 19.90 -46.56 -14.78
C VAL B 213 19.28 -47.73 -15.56
N GLU B 214 19.91 -48.90 -15.51
CA GLU B 214 19.31 -50.01 -16.23
C GLU B 214 19.16 -51.23 -15.38
N PRO B 215 18.31 -52.19 -15.81
CA PRO B 215 18.23 -53.45 -15.07
C PRO B 215 19.62 -54.07 -15.07
N LYS B 216 20.00 -54.64 -13.92
CA LYS B 216 21.32 -55.25 -13.77
C LYS B 216 21.47 -56.56 -14.54
N SER B 217 22.47 -56.63 -15.42
CA SER B 217 22.73 -57.82 -16.24
C SER B 217 21.61 -58.11 -17.24
N PRO C 9 12.56 31.53 -22.78
CA PRO C 9 12.83 30.31 -23.56
C PRO C 9 11.88 30.13 -24.73
N ALA C 10 11.61 28.86 -25.05
CA ALA C 10 10.70 28.51 -26.13
C ALA C 10 9.26 28.57 -25.60
N TRP C 11 8.77 29.79 -25.42
CA TRP C 11 7.45 30.06 -24.85
C TRP C 11 6.31 29.16 -25.33
N THR C 12 6.18 29.02 -26.63
CA THR C 12 5.09 28.22 -27.19
C THR C 12 5.16 26.74 -26.81
N GLN C 13 6.32 26.14 -26.94
CA GLN C 13 6.43 24.73 -26.59
C GLN C 13 6.17 24.55 -25.10
N CYS C 14 6.63 25.51 -24.31
CA CYS C 14 6.45 25.43 -22.86
C CYS C 14 4.98 25.58 -22.52
N GLN C 15 4.30 26.44 -23.27
CA GLN C 15 2.88 26.68 -23.07
C GLN C 15 2.10 25.40 -23.38
N GLN C 16 2.43 24.77 -24.50
CA GLN C 16 1.72 23.56 -24.89
C GLN C 16 1.96 22.43 -23.89
N LEU C 17 3.20 22.29 -23.43
CA LEU C 17 3.54 21.23 -22.46
C LEU C 17 2.88 21.48 -21.11
N SER C 18 2.92 22.71 -20.65
CA SER C 18 2.33 23.02 -19.35
C SER C 18 0.82 22.78 -19.35
N GLN C 19 0.19 22.97 -20.50
CA GLN C 19 -1.23 22.76 -20.63
C GLN C 19 -1.57 21.29 -20.53
N LYS C 20 -0.75 20.46 -21.16
CA LYS C 20 -0.92 19.01 -21.09
C LYS C 20 -0.67 18.52 -19.67
N LEU C 21 0.29 19.14 -18.96
CA LEU C 21 0.56 18.80 -17.57
C LEU C 21 -0.68 19.11 -16.72
N CYS C 22 -1.36 20.21 -17.00
CA CYS C 22 -2.60 20.52 -16.25
C CYS C 22 -3.62 19.42 -16.47
N THR C 23 -3.78 19.00 -17.73
CA THR C 23 -4.71 17.93 -18.06
C THR C 23 -4.35 16.62 -17.33
N LEU C 24 -3.09 16.23 -17.41
CA LEU C 24 -2.64 15.00 -16.76
C LEU C 24 -2.89 15.07 -15.27
N ALA C 25 -2.59 16.22 -14.70
CA ALA C 25 -2.71 16.38 -13.25
C ALA C 25 -4.12 16.23 -12.68
N TRP C 26 -5.13 16.40 -13.53
CA TRP C 26 -6.52 16.25 -13.12
C TRP C 26 -7.13 14.93 -13.61
N SER C 27 -6.42 14.24 -14.50
CA SER C 27 -6.90 13.03 -15.14
C SER C 27 -7.28 11.85 -14.24
N ALA C 28 -6.65 11.75 -13.07
CA ALA C 28 -7.02 10.71 -12.13
C ALA C 28 -7.57 11.29 -10.82
N HIS C 29 -8.11 12.50 -10.87
CA HIS C 29 -8.57 13.17 -9.66
C HIS C 29 -9.71 12.41 -9.00
N PRO C 30 -9.55 12.06 -7.70
CA PRO C 30 -10.67 11.30 -7.14
C PRO C 30 -11.74 12.21 -6.56
N LEU C 31 -12.84 11.59 -6.11
CA LEU C 31 -13.90 12.33 -5.49
C LEU C 31 -13.38 12.76 -4.12
N VAL C 32 -13.36 14.06 -3.86
CA VAL C 32 -12.86 14.56 -2.57
C VAL C 32 -13.51 15.86 -2.12
N ASP C 48 10.57 23.56 2.61
CA ASP C 48 11.00 22.36 1.90
C ASP C 48 10.26 22.21 0.57
N VAL C 49 8.98 22.56 0.59
CA VAL C 49 8.15 22.48 -0.61
C VAL C 49 8.33 23.73 -1.43
N PRO C 50 8.83 23.60 -2.68
CA PRO C 50 8.92 24.87 -3.40
C PRO C 50 7.52 25.26 -3.89
N HIS C 51 7.13 26.48 -3.54
CA HIS C 51 5.86 27.05 -3.97
C HIS C 51 6.28 28.33 -4.69
N ILE C 52 5.53 28.72 -5.71
CA ILE C 52 5.79 29.97 -6.40
C ILE C 52 5.13 31.04 -5.53
N GLN C 53 5.93 31.79 -4.79
CA GLN C 53 5.45 32.82 -3.89
C GLN C 53 5.31 34.20 -4.54
N CYS C 54 4.65 35.14 -3.86
CA CYS C 54 4.48 36.49 -4.41
C CYS C 54 5.80 37.10 -4.86
N GLY C 55 6.85 36.88 -4.05
CA GLY C 55 8.18 37.38 -4.32
C GLY C 55 8.97 36.78 -5.48
N ASP C 56 8.51 35.65 -6.00
CA ASP C 56 9.22 34.96 -7.09
C ASP C 56 9.09 35.56 -8.48
N GLY C 57 8.28 36.59 -8.61
CA GLY C 57 8.07 37.31 -9.85
C GLY C 57 7.45 36.55 -11.00
N CYS C 58 6.42 35.76 -10.70
CA CYS C 58 5.79 34.97 -11.76
C CYS C 58 4.49 35.63 -12.17
N ASP C 59 4.22 36.80 -11.61
CA ASP C 59 3.04 37.57 -11.95
C ASP C 59 3.44 38.38 -13.19
N PRO C 60 2.45 38.82 -13.99
CA PRO C 60 2.68 39.61 -15.21
C PRO C 60 3.65 40.82 -15.07
N GLN C 61 3.48 41.65 -14.07
CA GLN C 61 4.39 42.77 -13.89
C GLN C 61 5.81 42.23 -13.72
N GLY C 62 5.97 41.26 -12.82
CA GLY C 62 7.25 40.64 -12.56
C GLY C 62 7.89 39.96 -13.75
N LEU C 63 7.09 39.35 -14.62
CA LEU C 63 7.64 38.65 -15.80
C LEU C 63 8.14 39.65 -16.81
N ARG C 64 7.53 40.83 -16.72
CA ARG C 64 7.81 41.97 -17.59
C ARG C 64 9.26 42.39 -17.36
N ASP C 65 9.51 42.86 -16.15
CA ASP C 65 10.83 43.29 -15.71
C ASP C 65 11.88 42.25 -16.04
N ASN C 66 11.83 41.12 -15.36
CA ASN C 66 12.79 40.04 -15.56
C ASN C 66 12.15 38.67 -15.27
N SER C 67 12.05 37.85 -16.32
CA SER C 67 11.40 36.54 -16.26
C SER C 67 12.26 35.36 -15.81
N GLN C 68 13.58 35.49 -15.88
CA GLN C 68 14.46 34.39 -15.48
C GLN C 68 14.25 33.92 -14.05
N PHE C 69 13.90 34.82 -13.14
CA PHE C 69 13.69 34.43 -11.75
C PHE C 69 12.53 33.42 -11.70
N CYS C 70 11.43 33.78 -12.34
CA CYS C 70 10.25 32.94 -12.36
C CYS C 70 10.59 31.59 -12.97
N LEU C 71 11.21 31.60 -14.14
CA LEU C 71 11.55 30.36 -14.82
C LEU C 71 12.49 29.47 -14.03
N GLN C 72 13.39 30.07 -13.24
CA GLN C 72 14.29 29.28 -12.41
C GLN C 72 13.51 28.61 -11.25
N ARG C 73 12.55 29.33 -10.68
CA ARG C 73 11.67 28.81 -9.66
C ARG C 73 10.76 27.69 -10.26
N ILE C 74 10.33 27.84 -11.49
CA ILE C 74 9.49 26.81 -12.10
C ILE C 74 10.36 25.58 -12.34
N HIS C 75 11.59 25.80 -12.80
CA HIS C 75 12.49 24.68 -13.05
C HIS C 75 12.72 23.85 -11.79
N GLN C 76 12.97 24.53 -10.69
CA GLN C 76 13.22 23.90 -9.42
C GLN C 76 11.99 23.16 -8.90
N GLY C 77 10.81 23.73 -9.09
CA GLY C 77 9.56 23.05 -8.74
C GLY C 77 9.42 21.77 -9.55
N LEU C 78 9.68 21.84 -10.85
CA LEU C 78 9.53 20.62 -11.66
C LEU C 78 10.46 19.49 -11.26
N ILE C 79 11.68 19.84 -10.89
CA ILE C 79 12.67 18.83 -10.51
C ILE C 79 12.22 18.27 -9.16
N PHE C 80 11.61 19.12 -8.33
CA PHE C 80 11.15 18.70 -7.01
C PHE C 80 10.07 17.64 -7.16
N TYR C 81 9.09 17.89 -8.02
CA TYR C 81 8.00 16.94 -8.22
C TYR C 81 8.45 15.65 -8.92
N GLU C 82 9.35 15.76 -9.88
CA GLU C 82 9.77 14.55 -10.61
C GLU C 82 10.48 13.61 -9.66
N LYS C 83 11.23 14.16 -8.72
CA LYS C 83 11.93 13.36 -7.74
C LYS C 83 10.97 12.70 -6.78
N LEU C 84 9.92 13.40 -6.42
CA LEU C 84 8.91 12.79 -5.55
C LEU C 84 8.17 11.67 -6.27
N LEU C 85 7.82 11.89 -7.52
CA LEU C 85 7.08 10.90 -8.28
C LEU C 85 7.89 9.64 -8.62
N GLY C 86 9.23 9.74 -8.53
CA GLY C 86 10.11 8.61 -8.80
C GLY C 86 10.56 7.93 -7.49
N SER C 87 10.10 8.48 -6.36
CA SER C 87 10.48 7.98 -5.05
C SER C 87 9.53 6.88 -4.60
N ASP C 88 9.94 6.18 -3.56
CA ASP C 88 9.13 5.08 -2.98
C ASP C 88 7.73 5.46 -2.51
N ILE C 89 7.47 6.77 -2.38
CA ILE C 89 6.08 7.19 -2.09
C ILE C 89 5.20 6.68 -3.23
N PHE C 90 5.73 6.78 -4.45
CA PHE C 90 4.93 6.41 -5.63
C PHE C 90 5.27 5.02 -6.21
N THR C 91 6.52 4.58 -6.05
CA THR C 91 6.87 3.28 -6.64
C THR C 91 6.59 2.14 -5.67
N GLY C 92 6.40 2.45 -4.41
CA GLY C 92 6.16 1.40 -3.42
C GLY C 92 4.70 1.00 -3.22
N GLU C 93 4.44 0.16 -2.21
CA GLU C 93 3.08 -0.32 -1.95
C GLU C 93 2.29 0.86 -1.30
N PRO C 94 0.95 0.90 -1.45
CA PRO C 94 0.11 0.03 -2.30
C PRO C 94 0.46 0.39 -3.72
N SER C 95 0.72 -0.62 -4.55
CA SER C 95 1.16 -0.38 -5.91
C SER C 95 0.17 0.44 -6.73
N LEU C 96 0.71 1.35 -7.55
CA LEU C 96 -0.09 2.13 -8.47
C LEU C 96 -0.68 1.16 -9.46
N LEU C 97 -1.87 1.46 -9.97
CA LEU C 97 -2.52 0.59 -10.95
C LEU C 97 -1.97 0.81 -12.33
N PRO C 98 -2.14 -0.19 -13.22
CA PRO C 98 -1.53 0.10 -14.53
C PRO C 98 -2.15 1.27 -15.27
N ASP C 99 -3.31 1.75 -14.83
CA ASP C 99 -3.93 2.90 -15.50
C ASP C 99 -3.46 4.24 -14.91
N SER C 100 -2.66 4.21 -13.86
CA SER C 100 -2.17 5.44 -13.26
C SER C 100 -1.50 6.37 -14.29
N PRO C 101 -1.74 7.69 -14.19
CA PRO C 101 -1.08 8.65 -15.09
C PRO C 101 0.19 9.17 -14.48
N VAL C 102 0.61 8.59 -13.36
CA VAL C 102 1.81 9.07 -12.69
C VAL C 102 3.04 8.90 -13.61
N GLY C 103 3.07 7.83 -14.38
CA GLY C 103 4.14 7.55 -15.34
C GLY C 103 4.30 8.68 -16.34
N GLN C 104 3.19 9.06 -16.97
CA GLN C 104 3.13 10.14 -17.94
C GLN C 104 3.39 11.52 -17.32
N LEU C 105 2.85 11.73 -16.11
CA LEU C 105 3.11 12.98 -15.39
C LEU C 105 4.63 13.13 -15.20
N HIS C 106 5.25 12.07 -14.71
CA HIS C 106 6.67 12.09 -14.45
C HIS C 106 7.47 12.44 -15.73
N ALA C 107 7.18 11.75 -16.82
CA ALA C 107 7.85 12.02 -18.09
C ALA C 107 7.58 13.46 -18.55
N SER C 108 6.37 13.96 -18.37
CA SER C 108 6.06 15.34 -18.76
C SER C 108 6.77 16.39 -17.92
N LEU C 109 6.89 16.14 -16.62
CA LEU C 109 7.64 17.02 -15.73
C LEU C 109 9.12 17.04 -16.21
N LEU C 110 9.65 15.89 -16.60
CA LEU C 110 11.03 15.86 -17.07
C LEU C 110 11.11 16.59 -18.40
N GLY C 111 10.17 16.31 -19.28
CA GLY C 111 10.09 16.93 -20.58
C GLY C 111 10.15 18.45 -20.47
N LEU C 112 9.34 19.01 -19.57
CA LEU C 112 9.31 20.46 -19.40
C LEU C 112 10.57 21.00 -18.75
N SER C 113 11.08 20.34 -17.72
CA SER C 113 12.29 20.83 -17.04
C SER C 113 13.42 20.93 -18.06
N GLN C 114 13.43 20.00 -19.01
CA GLN C 114 14.44 19.96 -20.04
C GLN C 114 14.39 21.16 -20.98
N LEU C 115 13.18 21.59 -21.34
CA LEU C 115 13.02 22.75 -22.20
C LEU C 115 13.49 24.02 -21.48
N LEU C 116 13.56 23.96 -20.17
CA LEU C 116 13.90 25.14 -19.37
C LEU C 116 15.39 25.30 -19.13
N GLN C 117 16.08 24.17 -19.03
CA GLN C 117 17.50 24.13 -18.78
C GLN C 117 18.00 22.75 -19.23
N PRO C 118 18.21 22.58 -20.57
CA PRO C 118 18.69 21.35 -21.23
C PRO C 118 20.08 20.95 -20.72
N LEU C 131 13.20 13.54 1.62
CA LEU C 131 13.54 12.53 0.62
C LEU C 131 14.15 11.25 1.22
N SER C 132 13.50 10.73 2.26
CA SER C 132 13.88 9.48 2.88
C SER C 132 12.69 8.54 2.64
N PRO C 133 12.87 7.25 2.96
CA PRO C 133 11.83 6.22 2.77
C PRO C 133 10.52 6.57 3.50
N SER C 134 9.38 6.34 2.84
CA SER C 134 8.06 6.65 3.39
C SER C 134 7.39 5.38 3.92
N GLN C 135 6.56 5.49 4.96
CA GLN C 135 5.86 4.33 5.56
C GLN C 135 4.69 3.95 4.70
N PRO C 136 4.52 2.66 4.44
CA PRO C 136 3.50 2.29 3.49
C PRO C 136 2.11 2.77 3.82
N TRP C 137 1.69 2.67 5.08
CA TRP C 137 0.32 3.06 5.48
C TRP C 137 0.04 4.54 5.26
N GLN C 138 1.11 5.32 5.10
CA GLN C 138 1.02 6.78 4.83
C GLN C 138 1.06 7.20 3.35
N ARG C 139 1.42 6.28 2.46
CA ARG C 139 1.63 6.64 1.05
C ARG C 139 0.41 7.09 0.25
N LEU C 140 -0.75 6.45 0.45
CA LEU C 140 -1.94 6.87 -0.30
C LEU C 140 -2.30 8.33 0.00
N LEU C 141 -2.21 8.73 1.26
CA LEU C 141 -2.46 10.14 1.64
C LEU C 141 -1.35 11.07 1.15
N LEU C 142 -0.09 10.65 1.29
CA LEU C 142 0.99 11.50 0.77
C LEU C 142 0.82 11.71 -0.74
N ARG C 143 0.48 10.66 -1.49
CA ARG C 143 0.34 10.78 -2.96
C ARG C 143 -0.78 11.75 -3.28
N PHE C 144 -1.88 11.67 -2.54
CA PHE C 144 -2.97 12.61 -2.77
C PHE C 144 -2.50 14.03 -2.53
N LYS C 145 -1.82 14.27 -1.40
CA LYS C 145 -1.36 15.61 -1.10
C LYS C 145 -0.37 16.20 -2.11
N ILE C 146 0.55 15.36 -2.57
CA ILE C 146 1.55 15.79 -3.56
C ILE C 146 0.86 16.12 -4.86
N LEU C 147 -0.11 15.29 -5.25
CA LEU C 147 -0.80 15.54 -6.51
C LEU C 147 -1.71 16.79 -6.47
N ARG C 148 -2.25 17.12 -5.31
CA ARG C 148 -3.06 18.30 -5.20
C ARG C 148 -2.18 19.51 -5.32
N SER C 149 -1.03 19.46 -4.65
CA SER C 149 -0.07 20.54 -4.65
C SER C 149 0.52 20.70 -6.07
N LEU C 150 0.70 19.58 -6.77
CA LEU C 150 1.21 19.60 -8.14
C LEU C 150 0.19 20.28 -9.07
N GLN C 151 -1.11 20.04 -8.83
CA GLN C 151 -2.11 20.68 -9.66
C GLN C 151 -2.00 22.20 -9.60
N ALA C 152 -1.78 22.73 -8.39
CA ALA C 152 -1.72 24.16 -8.20
C ALA C 152 -0.46 24.74 -8.86
N PHE C 153 0.64 24.04 -8.71
CA PHE C 153 1.93 24.47 -9.27
C PHE C 153 1.84 24.50 -10.78
N VAL C 154 1.34 23.43 -11.38
CA VAL C 154 1.25 23.42 -12.85
C VAL C 154 0.36 24.47 -13.45
N ALA C 155 -0.69 24.85 -12.73
CA ALA C 155 -1.60 25.87 -13.21
C ALA C 155 -0.89 27.20 -13.21
N VAL C 156 -0.09 27.49 -12.18
CA VAL C 156 0.69 28.73 -12.13
C VAL C 156 1.66 28.75 -13.32
N ALA C 157 2.35 27.64 -13.54
CA ALA C 157 3.30 27.53 -14.66
C ALA C 157 2.61 27.67 -16.00
N ALA C 158 1.41 27.10 -16.14
CA ALA C 158 0.67 27.23 -17.38
C ALA C 158 0.31 28.70 -17.69
N ARG C 159 -0.04 29.45 -16.66
CA ARG C 159 -0.41 30.88 -16.87
C ARG C 159 0.83 31.68 -17.27
N VAL C 160 1.94 31.37 -16.63
CA VAL C 160 3.22 32.02 -16.92
C VAL C 160 3.60 31.84 -18.39
N PHE C 161 3.62 30.59 -18.84
CA PHE C 161 4.00 30.28 -20.22
C PHE C 161 2.98 30.81 -21.23
N ALA C 162 1.68 30.81 -20.88
CA ALA C 162 0.70 31.36 -21.82
C ALA C 162 0.89 32.89 -21.96
N HIS C 163 1.07 33.58 -20.85
CA HIS C 163 1.27 35.03 -20.87
C HIS C 163 2.55 35.37 -21.65
N GLY C 164 3.66 34.69 -21.31
CA GLY C 164 4.94 34.91 -21.98
C GLY C 164 4.85 34.67 -23.48
N ALA C 165 4.14 33.61 -23.87
CA ALA C 165 3.94 33.28 -25.27
C ALA C 165 3.17 34.39 -25.99
N ALA C 166 2.18 34.94 -25.31
CA ALA C 166 1.31 35.95 -25.91
C ALA C 166 1.89 37.37 -25.90
N THR C 167 2.74 37.64 -24.92
CA THR C 167 3.28 38.97 -24.74
C THR C 167 4.77 39.14 -24.84
N LEU C 168 5.53 38.06 -24.98
CA LEU C 168 7.01 38.14 -24.99
C LEU C 168 7.75 37.31 -26.04
N ILE D 1 -15.48 29.76 31.23
CA ILE D 1 -15.93 31.02 30.63
C ILE D 1 -14.81 31.68 29.81
N TRP D 2 -15.13 32.21 28.63
CA TRP D 2 -14.14 32.89 27.80
C TRP D 2 -14.79 34.13 27.19
N GLU D 3 -14.00 35.13 26.81
CA GLU D 3 -14.56 36.39 26.33
C GLU D 3 -14.74 36.43 24.82
N LEU D 4 -15.99 36.62 24.38
CA LEU D 4 -16.28 36.65 22.95
C LEU D 4 -15.90 38.01 22.42
N LYS D 5 -16.26 39.04 23.19
CA LYS D 5 -15.88 40.39 22.90
C LYS D 5 -15.95 41.14 24.21
N LYS D 6 -15.63 42.42 24.22
CA LYS D 6 -15.73 43.17 25.47
C LYS D 6 -17.08 42.99 26.17
N ASP D 7 -17.08 42.49 27.41
CA ASP D 7 -18.29 42.39 28.22
C ASP D 7 -19.28 41.35 27.76
N VAL D 8 -18.81 40.42 26.91
CA VAL D 8 -19.64 39.33 26.39
C VAL D 8 -18.85 38.05 26.63
N TYR D 9 -19.44 37.12 27.39
CA TYR D 9 -18.82 35.88 27.80
C TYR D 9 -19.57 34.67 27.31
N VAL D 10 -18.80 33.63 27.02
CA VAL D 10 -19.39 32.37 26.60
C VAL D 10 -19.08 31.35 27.68
N VAL D 11 -20.13 30.73 28.20
CA VAL D 11 -20.01 29.72 29.26
C VAL D 11 -20.25 28.37 28.60
N GLU D 12 -19.22 27.54 28.59
CA GLU D 12 -19.32 26.22 27.97
C GLU D 12 -19.90 25.24 28.99
N LEU D 13 -21.00 24.59 28.62
CA LEU D 13 -21.72 23.66 29.48
C LEU D 13 -21.88 22.25 28.86
N ASP D 14 -21.58 21.23 29.66
CA ASP D 14 -21.86 19.86 29.23
C ASP D 14 -23.36 19.73 29.50
N TRP D 15 -24.15 19.58 28.45
CA TRP D 15 -25.60 19.58 28.53
C TRP D 15 -26.27 18.22 28.68
N TYR D 16 -26.87 18.00 29.84
CA TYR D 16 -27.62 16.78 30.14
C TYR D 16 -28.40 16.97 31.44
N PRO D 17 -29.66 16.52 31.46
CA PRO D 17 -30.64 16.55 32.56
C PRO D 17 -30.01 16.50 33.95
N ASP D 18 -30.35 17.48 34.77
CA ASP D 18 -29.84 17.59 36.14
C ASP D 18 -28.43 18.18 36.22
N ALA D 19 -28.28 19.42 35.74
CA ALA D 19 -27.03 20.20 35.75
C ALA D 19 -25.74 19.39 35.77
N PRO D 20 -24.73 19.83 36.55
CA PRO D 20 -24.29 20.77 37.58
C PRO D 20 -24.05 22.21 37.10
N GLY D 21 -23.71 22.40 35.82
CA GLY D 21 -23.50 23.74 35.30
C GLY D 21 -22.13 24.25 35.69
N GLU D 22 -21.97 25.57 35.65
CA GLU D 22 -20.68 26.19 35.92
C GLU D 22 -20.87 27.39 36.80
N MET D 23 -19.99 27.54 37.77
CA MET D 23 -20.07 28.69 38.65
C MET D 23 -19.41 29.90 38.02
N VAL D 24 -20.20 30.96 37.88
CA VAL D 24 -19.71 32.20 37.27
C VAL D 24 -19.73 33.37 38.24
N VAL D 25 -18.57 34.01 38.43
CA VAL D 25 -18.47 35.19 39.29
C VAL D 25 -18.39 36.47 38.46
N LEU D 26 -19.41 37.31 38.56
CA LEU D 26 -19.43 38.58 37.83
C LEU D 26 -18.97 39.66 38.78
N THR D 27 -18.16 40.59 38.29
CA THR D 27 -17.67 41.69 39.10
C THR D 27 -18.14 43.01 38.50
N CYS D 28 -18.72 43.85 39.33
CA CYS D 28 -19.18 45.15 38.84
C CYS D 28 -17.95 46.00 38.48
N ASP D 29 -17.96 46.63 37.31
CA ASP D 29 -16.84 47.47 36.89
C ASP D 29 -16.96 48.88 37.46
N THR D 30 -16.42 49.04 38.67
CA THR D 30 -16.50 50.32 39.38
C THR D 30 -15.50 50.22 40.52
N PRO D 31 -14.87 51.34 40.89
CA PRO D 31 -13.94 51.38 42.03
C PRO D 31 -14.75 51.28 43.35
N GLU D 32 -16.04 51.58 43.26
CA GLU D 32 -16.99 51.53 44.38
C GLU D 32 -17.19 50.11 44.93
N GLU D 33 -17.50 49.99 46.23
CA GLU D 33 -17.73 48.67 46.83
C GLU D 33 -19.11 48.50 47.45
N ASP D 34 -19.72 49.62 47.80
CA ASP D 34 -20.98 49.59 48.51
C ASP D 34 -22.17 50.06 47.69
N GLY D 35 -23.35 49.63 48.13
CA GLY D 35 -24.61 50.05 47.57
C GLY D 35 -24.87 49.51 46.16
N ILE D 36 -24.16 48.47 45.77
CA ILE D 36 -24.31 47.91 44.41
C ILE D 36 -25.40 46.87 44.35
N THR D 37 -26.25 46.90 43.31
CA THR D 37 -27.27 45.88 43.12
C THR D 37 -27.09 45.33 41.71
N TRP D 38 -27.71 44.18 41.44
CA TRP D 38 -27.60 43.51 40.14
C TRP D 38 -29.00 43.18 39.64
N THR D 39 -29.21 43.28 38.33
CA THR D 39 -30.46 42.90 37.69
C THR D 39 -30.08 42.07 36.47
N LEU D 40 -31.07 41.38 35.92
CA LEU D 40 -30.88 40.55 34.73
C LEU D 40 -31.83 41.02 33.64
N ASP D 41 -31.29 41.20 32.44
CA ASP D 41 -32.05 41.65 31.28
C ASP D 41 -32.81 42.96 31.50
N GLN D 42 -34.08 42.99 31.12
CA GLN D 42 -34.83 44.24 31.25
C GLN D 42 -35.59 44.39 32.57
N SER D 43 -35.49 43.39 33.44
CA SER D 43 -36.19 43.42 34.74
C SER D 43 -35.51 44.24 35.83
N SER D 44 -36.29 45.07 36.53
CA SER D 44 -35.76 45.85 37.65
C SER D 44 -35.59 45.01 38.91
N GLU D 45 -36.07 43.76 38.89
CA GLU D 45 -35.94 42.95 40.09
C GLU D 45 -34.50 42.82 40.54
N VAL D 46 -34.25 43.12 41.81
CA VAL D 46 -32.91 43.02 42.34
C VAL D 46 -32.59 41.55 42.60
N LEU D 47 -31.51 41.06 42.00
CA LEU D 47 -31.07 39.68 42.16
C LEU D 47 -30.02 39.54 43.24
N GLY D 48 -29.37 40.64 43.55
CA GLY D 48 -28.30 40.59 44.51
C GLY D 48 -27.70 41.97 44.70
N SER D 49 -26.81 42.07 45.67
CA SER D 49 -26.13 43.34 45.96
C SER D 49 -24.70 42.96 46.32
N GLY D 50 -23.77 43.89 46.18
CA GLY D 50 -22.37 43.61 46.47
C GLY D 50 -21.61 43.78 45.19
N LYS D 51 -20.29 43.90 45.29
CA LYS D 51 -19.49 44.12 44.11
C LYS D 51 -19.46 42.93 43.18
N THR D 52 -19.76 41.75 43.71
CA THR D 52 -19.79 40.52 42.90
C THR D 52 -21.15 39.85 43.00
N LEU D 53 -21.44 39.00 42.04
CA LEU D 53 -22.70 38.23 42.03
C LEU D 53 -22.27 36.86 41.56
N THR D 54 -22.61 35.82 42.31
CA THR D 54 -22.22 34.48 41.94
C THR D 54 -23.45 33.75 41.38
N ILE D 55 -23.29 33.21 40.18
CA ILE D 55 -24.37 32.51 39.49
C ILE D 55 -23.93 31.08 39.19
N GLN D 56 -24.83 30.13 39.39
CA GLN D 56 -24.59 28.74 39.04
C GLN D 56 -25.28 28.66 37.69
N VAL D 57 -24.51 28.72 36.62
CA VAL D 57 -25.12 28.71 35.28
C VAL D 57 -25.38 27.29 34.79
N LYS D 58 -26.67 26.96 34.67
CA LYS D 58 -27.09 25.63 34.25
C LYS D 58 -28.07 25.67 33.11
N GLU D 59 -28.76 26.78 32.95
CA GLU D 59 -29.78 26.84 31.91
C GLU D 59 -29.84 28.22 31.30
N PHE D 60 -30.57 28.35 30.19
CA PHE D 60 -30.70 29.65 29.55
C PHE D 60 -31.27 30.69 30.48
N GLY D 61 -32.10 30.28 31.45
CA GLY D 61 -32.66 31.23 32.40
C GLY D 61 -31.57 31.87 33.27
N ASP D 62 -30.39 31.25 33.30
CA ASP D 62 -29.25 31.75 34.06
C ASP D 62 -28.38 32.69 33.19
N ALA D 63 -28.56 32.63 31.88
CA ALA D 63 -27.79 33.50 30.99
C ALA D 63 -28.51 34.80 30.77
N GLY D 64 -27.86 35.71 30.06
CA GLY D 64 -28.45 37.00 29.72
C GLY D 64 -27.55 38.13 30.12
N GLN D 65 -28.10 39.34 30.04
CA GLN D 65 -27.33 40.51 30.35
C GLN D 65 -27.48 40.92 31.80
N TYR D 66 -26.41 40.74 32.58
CA TYR D 66 -26.40 41.13 33.98
C TYR D 66 -25.90 42.56 34.05
N THR D 67 -26.59 43.38 34.82
CA THR D 67 -26.23 44.80 34.92
C THR D 67 -26.08 45.14 36.39
N CYS D 68 -25.04 45.90 36.75
CA CYS D 68 -24.86 46.31 38.14
C CYS D 68 -25.20 47.80 38.28
N HIS D 69 -25.76 48.19 39.43
CA HIS D 69 -26.24 49.55 39.59
C HIS D 69 -25.80 50.11 40.93
N LYS D 70 -25.79 51.43 41.00
CA LYS D 70 -25.51 52.11 42.27
C LYS D 70 -26.13 53.49 42.20
N GLY D 71 -26.82 53.85 43.28
CA GLY D 71 -27.43 55.17 43.45
C GLY D 71 -28.44 55.48 42.36
N GLY D 72 -29.18 54.48 41.93
CA GLY D 72 -30.17 54.65 40.87
C GLY D 72 -29.59 54.73 39.47
N GLU D 73 -28.28 54.55 39.33
CA GLU D 73 -27.66 54.62 38.02
C GLU D 73 -27.04 53.28 37.60
N VAL D 74 -26.93 53.08 36.29
CA VAL D 74 -26.35 51.85 35.75
C VAL D 74 -24.84 51.99 35.82
N LEU D 75 -24.16 50.99 36.34
CA LEU D 75 -22.70 51.02 36.39
C LEU D 75 -22.05 50.31 35.19
N SER D 76 -22.31 49.01 35.07
CA SER D 76 -21.70 48.20 34.01
C SER D 76 -22.55 46.98 33.67
N HIS D 77 -22.24 46.36 32.53
CA HIS D 77 -22.99 45.20 32.04
C HIS D 77 -22.04 44.02 31.75
N SER D 78 -22.55 42.79 31.90
CA SER D 78 -21.85 41.56 31.50
C SER D 78 -22.89 40.66 30.84
N LEU D 79 -22.67 40.28 29.59
CA LEU D 79 -23.63 39.41 28.90
C LEU D 79 -23.05 37.98 28.90
N LEU D 80 -23.84 37.02 29.41
CA LEU D 80 -23.43 35.61 29.40
C LEU D 80 -24.21 34.88 28.30
N LEU D 81 -23.51 34.10 27.49
CA LEU D 81 -24.11 33.30 26.43
C LEU D 81 -23.75 31.87 26.76
N LEU D 82 -24.58 30.91 26.33
CA LEU D 82 -24.28 29.50 26.62
C LEU D 82 -23.84 28.73 25.36
N HIS D 83 -22.76 27.97 25.51
CA HIS D 83 -22.26 27.10 24.44
C HIS D 83 -22.46 25.64 24.92
N LYS D 84 -23.50 25.01 24.40
CA LYS D 84 -23.87 23.65 24.76
C LYS D 84 -22.98 22.59 24.09
N LYS D 85 -22.52 21.64 24.89
CA LYS D 85 -21.76 20.48 24.42
C LYS D 85 -22.64 19.27 24.78
N GLU D 86 -23.16 18.57 23.79
CA GLU D 86 -24.03 17.42 24.08
C GLU D 86 -23.34 16.13 23.64
N ASP D 87 -23.26 15.17 24.56
CA ASP D 87 -22.59 13.90 24.26
C ASP D 87 -21.17 14.14 23.72
N GLY D 88 -20.54 15.20 24.17
CA GLY D 88 -19.17 15.52 23.75
C GLY D 88 -19.06 16.40 22.51
N ILE D 89 -20.18 16.73 21.87
CA ILE D 89 -20.12 17.56 20.67
C ILE D 89 -20.85 18.90 20.79
N TRP D 90 -20.20 19.97 20.36
CA TRP D 90 -20.81 21.32 20.40
C TRP D 90 -22.01 21.39 19.48
N SER D 91 -23.11 22.00 19.96
CA SER D 91 -24.33 22.12 19.15
C SER D 91 -24.13 22.92 17.86
N THR D 92 -24.97 22.58 16.87
CA THR D 92 -24.99 23.23 15.56
C THR D 92 -26.46 23.29 15.14
N ASP D 93 -27.28 23.87 16.00
CA ASP D 93 -28.71 24.00 15.80
C ASP D 93 -29.02 25.18 14.90
N ILE D 94 -28.20 26.22 14.99
CA ILE D 94 -28.50 27.47 14.28
C ILE D 94 -28.50 27.44 12.75
N LEU D 95 -27.46 26.85 12.18
CA LEU D 95 -27.30 26.80 10.73
C LEU D 95 -27.66 25.42 10.16
N LYS D 96 -28.19 25.41 8.93
CA LYS D 96 -28.47 24.15 8.21
C LYS D 96 -27.19 23.56 7.61
N ASP D 97 -26.94 22.26 7.81
CA ASP D 97 -25.73 21.59 7.28
C ASP D 97 -25.90 21.32 5.78
N GLN D 98 -25.02 21.91 4.97
CA GLN D 98 -25.12 21.79 3.51
C GLN D 98 -24.50 20.55 2.83
N LYS D 99 -23.78 19.71 3.58
CA LYS D 99 -23.18 18.51 3.00
C LYS D 99 -23.24 17.31 3.94
N ASN D 103 -21.15 15.68 4.83
CA ASN D 103 -21.28 15.88 6.26
C ASN D 103 -21.19 17.36 6.63
N LYS D 104 -20.97 17.62 7.91
CA LYS D 104 -20.84 18.97 8.49
C LYS D 104 -20.22 20.10 7.64
N THR D 105 -20.97 20.60 6.66
CA THR D 105 -20.53 21.74 5.85
C THR D 105 -21.55 22.85 6.10
N PHE D 106 -21.22 23.85 6.89
CA PHE D 106 -22.25 24.85 7.14
C PHE D 106 -22.16 26.11 6.31
N LEU D 107 -20.94 26.49 5.96
CA LEU D 107 -20.68 27.69 5.19
C LEU D 107 -20.32 27.29 3.76
N ARG D 108 -20.73 28.12 2.81
CA ARG D 108 -20.43 27.93 1.39
C ARG D 108 -19.70 29.19 0.95
N CYS D 109 -18.50 29.04 0.40
CA CYS D 109 -17.73 30.21 0.01
C CYS D 109 -17.39 30.14 -1.47
N GLU D 110 -17.39 31.30 -2.12
CA GLU D 110 -17.04 31.41 -3.54
C GLU D 110 -16.20 32.65 -3.80
N ALA D 111 -15.34 32.60 -4.81
CA ALA D 111 -14.49 33.73 -5.17
C ALA D 111 -14.69 33.92 -6.68
N LYS D 112 -14.84 35.18 -7.12
CA LYS D 112 -15.10 35.44 -8.56
C LYS D 112 -13.82 35.60 -9.36
N ASN D 113 -12.72 35.76 -8.63
CA ASN D 113 -11.43 36.01 -9.26
C ASN D 113 -10.34 35.69 -8.22
N TYR D 114 -9.08 35.90 -8.59
CA TYR D 114 -7.97 35.65 -7.66
C TYR D 114 -7.54 36.82 -6.80
N SER D 115 -8.37 37.86 -6.72
CA SER D 115 -8.03 39.09 -5.98
C SER D 115 -7.80 38.95 -4.49
N GLY D 116 -8.40 37.93 -3.86
CA GLY D 116 -8.27 37.76 -2.43
C GLY D 116 -9.60 38.11 -1.77
N ARG D 117 -10.54 38.48 -2.62
CA ARG D 117 -11.89 38.78 -2.19
C ARG D 117 -12.82 37.57 -2.40
N PHE D 118 -13.66 37.27 -1.42
CA PHE D 118 -14.59 36.15 -1.57
C PHE D 118 -15.81 36.43 -0.73
N THR D 119 -16.86 35.64 -0.97
CA THR D 119 -18.13 35.74 -0.27
C THR D 119 -18.47 34.41 0.35
N CYS D 120 -19.03 34.42 1.56
CA CYS D 120 -19.49 33.18 2.20
C CYS D 120 -20.97 33.35 2.55
N TRP D 121 -21.72 32.26 2.45
CA TRP D 121 -23.17 32.23 2.69
C TRP D 121 -23.52 31.06 3.62
N TRP D 122 -24.62 31.21 4.35
CA TRP D 122 -25.12 30.13 5.19
C TRP D 122 -26.60 30.31 5.31
N LEU D 123 -27.24 29.24 5.76
CA LEU D 123 -28.68 29.18 5.81
C LEU D 123 -29.18 28.90 7.22
N THR D 124 -30.37 29.40 7.51
CA THR D 124 -31.05 29.16 8.79
C THR D 124 -32.57 29.16 8.65
N THR D 125 -33.23 28.47 9.57
CA THR D 125 -34.69 28.48 9.67
C THR D 125 -35.12 29.61 10.65
N ILE D 126 -34.16 30.09 11.42
CA ILE D 126 -34.44 31.10 12.45
C ILE D 126 -34.63 32.50 11.85
N SER D 127 -35.68 33.19 12.28
CA SER D 127 -36.06 34.51 11.75
C SER D 127 -35.80 35.70 12.63
N THR D 128 -35.67 35.46 13.93
CA THR D 128 -35.49 36.58 14.85
C THR D 128 -34.39 36.31 15.87
N ASP D 129 -33.88 37.38 16.47
CA ASP D 129 -32.90 37.31 17.56
C ASP D 129 -31.57 36.69 17.20
N LEU D 130 -31.13 36.90 15.97
CA LEU D 130 -29.90 36.27 15.47
C LEU D 130 -28.86 37.30 15.08
N THR D 131 -27.63 37.06 15.48
CA THR D 131 -26.51 37.90 15.10
C THR D 131 -25.33 36.98 14.76
N PHE D 132 -24.42 37.46 13.91
CA PHE D 132 -23.27 36.70 13.47
C PHE D 132 -22.11 37.62 13.42
N SER D 133 -20.92 37.07 13.62
CA SER D 133 -19.70 37.85 13.54
C SER D 133 -18.70 36.96 12.81
N VAL D 134 -18.02 37.52 11.81
CA VAL D 134 -17.13 36.69 10.99
C VAL D 134 -15.70 37.18 11.07
N LYS D 135 -14.77 36.24 11.20
CA LYS D 135 -13.36 36.63 11.21
C LYS D 135 -12.68 35.65 10.28
N SER D 136 -11.50 36.04 9.79
CA SER D 136 -10.78 35.23 8.81
C SER D 136 -9.30 35.57 8.86
N SER D 137 -8.46 34.63 8.43
CA SER D 137 -7.04 34.86 8.28
C SER D 137 -6.49 33.81 7.31
N ARG D 138 -5.34 34.09 6.71
CA ARG D 138 -4.71 33.05 5.91
C ARG D 138 -3.70 32.37 6.83
N GLY D 139 -3.88 31.08 7.07
CA GLY D 139 -3.02 30.37 8.00
C GLY D 139 -3.53 30.54 9.43
N SER D 140 -3.05 29.69 10.34
CA SER D 140 -3.42 29.74 11.76
C SER D 140 -2.17 30.16 12.53
N SER D 141 -1.05 29.59 12.14
CA SER D 141 0.25 29.92 12.71
C SER D 141 0.71 31.15 11.95
N ASP D 142 1.14 32.18 12.69
CA ASP D 142 1.59 33.42 12.06
C ASP D 142 0.50 33.92 11.09
N PRO D 143 -0.78 33.86 11.51
CA PRO D 143 -1.91 34.26 10.66
C PRO D 143 -1.70 35.63 10.02
N GLN D 144 -2.09 35.72 8.75
CA GLN D 144 -2.00 36.96 8.00
C GLN D 144 -3.43 37.46 7.85
N GLY D 145 -3.60 38.75 8.01
CA GLY D 145 -4.89 39.38 7.98
C GLY D 145 -5.79 39.29 6.76
N VAL D 146 -7.04 38.98 7.04
CA VAL D 146 -8.14 39.01 6.09
C VAL D 146 -9.16 39.91 6.79
N THR D 147 -9.77 40.83 6.05
CA THR D 147 -10.77 41.73 6.62
C THR D 147 -12.11 41.32 6.07
N CYS D 148 -13.11 41.19 6.94
CA CYS D 148 -14.47 40.82 6.55
C CYS D 148 -15.43 41.95 6.95
N GLY D 149 -16.47 42.11 6.16
CA GLY D 149 -17.49 43.10 6.43
C GLY D 149 -18.51 42.46 7.33
N ALA D 150 -19.56 43.20 7.64
CA ALA D 150 -20.61 42.69 8.50
C ALA D 150 -21.42 41.65 7.73
N ALA D 151 -21.94 40.64 8.43
CA ALA D 151 -22.77 39.62 7.77
C ALA D 151 -24.16 40.18 7.74
N THR D 152 -24.93 39.83 6.72
CA THR D 152 -26.26 40.37 6.61
C THR D 152 -27.20 39.44 5.89
N LEU D 153 -28.49 39.58 6.18
CA LEU D 153 -29.50 38.81 5.51
C LEU D 153 -29.29 39.19 4.05
N SER D 154 -29.50 38.24 3.13
CA SER D 154 -29.27 38.50 1.73
C SER D 154 -30.43 37.97 0.92
N ALA D 155 -31.13 36.98 1.45
CA ALA D 155 -32.28 36.45 0.76
C ALA D 155 -33.17 35.67 1.70
N GLU D 156 -34.39 35.42 1.23
CA GLU D 156 -35.36 34.65 1.98
C GLU D 156 -36.07 33.79 0.96
N ARG D 157 -36.38 32.55 1.35
CA ARG D 157 -37.11 31.67 0.49
C ARG D 157 -38.02 30.73 1.23
N VAL D 158 -38.94 30.12 0.50
CA VAL D 158 -39.89 29.22 1.11
C VAL D 158 -39.41 27.76 1.01
N ARG D 159 -39.83 26.94 1.98
CA ARG D 159 -39.48 25.52 2.04
C ARG D 159 -40.49 24.65 1.29
N ASN D 162 -42.74 26.49 5.58
CA ASN D 162 -41.44 26.74 6.20
C ASN D 162 -40.57 27.72 5.41
N LYS D 163 -40.05 28.75 6.08
CA LYS D 163 -39.17 29.73 5.43
C LYS D 163 -37.71 29.47 5.78
N GLU D 164 -36.83 29.87 4.87
CA GLU D 164 -35.39 29.77 5.10
C GLU D 164 -34.70 31.09 4.76
N TYR D 165 -33.82 31.52 5.65
CA TYR D 165 -33.10 32.76 5.53
C TYR D 165 -31.66 32.51 5.16
N GLU D 166 -31.17 33.31 4.23
CA GLU D 166 -29.79 33.21 3.78
C GLU D 166 -29.00 34.45 4.12
N TYR D 167 -27.86 34.20 4.75
CA TYR D 167 -26.93 35.27 5.16
C TYR D 167 -25.69 35.19 4.31
N SER D 168 -24.97 36.29 4.19
CA SER D 168 -23.73 36.32 3.41
C SER D 168 -22.82 37.35 4.02
N VAL D 169 -21.54 37.21 3.74
CA VAL D 169 -20.50 38.11 4.25
C VAL D 169 -19.45 38.17 3.14
N GLU D 170 -18.72 39.28 3.07
CA GLU D 170 -17.67 39.46 2.08
C GLU D 170 -16.39 39.72 2.80
N CYS D 171 -15.33 39.07 2.33
CA CYS D 171 -14.02 39.23 2.96
C CYS D 171 -12.99 39.53 1.90
N GLN D 172 -11.90 40.17 2.33
CA GLN D 172 -10.80 40.51 1.42
C GLN D 172 -9.48 40.26 2.12
N GLU D 173 -8.60 39.45 1.50
CA GLU D 173 -7.25 39.21 2.03
C GLU D 173 -6.50 40.53 2.03
N ASP D 174 -5.94 40.91 3.17
CA ASP D 174 -5.29 42.22 3.28
C ASP D 174 -4.20 42.51 2.25
N SER D 175 -3.23 41.61 2.11
CA SER D 175 -2.17 41.79 1.13
C SER D 175 -2.20 40.58 0.19
N ALA D 176 -3.02 40.63 -0.84
CA ALA D 176 -3.17 39.48 -1.73
C ALA D 176 -2.13 39.41 -2.86
N CYS D 177 -1.84 38.20 -3.34
CA CYS D 177 -0.98 38.04 -4.50
C CYS D 177 -1.68 37.07 -5.45
N PRO D 178 -2.49 37.62 -6.36
CA PRO D 178 -3.29 36.78 -7.25
C PRO D 178 -2.54 35.74 -8.03
N ALA D 179 -1.32 36.05 -8.49
CA ALA D 179 -0.58 35.11 -9.31
C ALA D 179 0.10 33.98 -8.54
N ALA D 180 0.34 34.20 -7.25
CA ALA D 180 1.07 33.23 -6.45
C ALA D 180 0.39 31.86 -6.25
N GLU D 181 1.20 30.86 -5.91
CA GLU D 181 0.71 29.53 -5.60
C GLU D 181 0.42 29.53 -4.11
N GLU D 182 -0.85 29.43 -3.71
CA GLU D 182 -1.16 29.47 -2.27
C GLU D 182 -0.64 28.23 -1.56
N SER D 183 0.01 28.42 -0.41
CA SER D 183 0.46 27.27 0.37
C SER D 183 -0.32 27.11 1.69
N LEU D 184 -0.90 28.19 2.21
CA LEU D 184 -1.69 28.08 3.45
C LEU D 184 -3.12 28.44 3.15
N PRO D 185 -4.06 27.69 3.70
CA PRO D 185 -5.42 28.07 3.32
C PRO D 185 -5.99 29.24 4.12
N ILE D 186 -7.08 29.78 3.59
CA ILE D 186 -7.84 30.82 4.28
C ILE D 186 -8.69 30.04 5.27
N GLU D 187 -8.85 30.59 6.47
CA GLU D 187 -9.71 30.02 7.50
C GLU D 187 -10.79 31.07 7.75
N VAL D 188 -12.04 30.64 7.85
CA VAL D 188 -13.16 31.55 8.15
C VAL D 188 -13.83 31.02 9.41
N MET D 189 -14.13 31.90 10.35
CA MET D 189 -14.86 31.44 11.54
C MET D 189 -16.09 32.31 11.78
N VAL D 190 -17.24 31.67 11.96
CA VAL D 190 -18.48 32.41 12.16
C VAL D 190 -19.01 32.20 13.59
N ASP D 191 -19.15 33.29 14.31
CA ASP D 191 -19.74 33.27 15.65
C ASP D 191 -21.25 33.44 15.42
N ALA D 192 -22.04 32.49 15.87
CA ALA D 192 -23.46 32.60 15.69
C ALA D 192 -24.11 32.75 17.05
N VAL D 193 -25.05 33.66 17.18
CA VAL D 193 -25.76 33.85 18.46
C VAL D 193 -27.23 33.91 18.26
N HIS D 194 -27.97 32.97 18.83
CA HIS D 194 -29.43 32.99 18.73
C HIS D 194 -29.96 33.17 20.12
N LYS D 195 -30.52 34.34 20.39
CA LYS D 195 -30.98 34.67 21.74
C LYS D 195 -29.75 34.64 22.64
N LEU D 196 -29.67 33.64 23.52
CA LEU D 196 -28.54 33.51 24.45
C LEU D 196 -27.71 32.27 24.16
N LYS D 197 -27.95 31.66 23.00
CA LYS D 197 -27.23 30.43 22.63
C LYS D 197 -26.12 30.74 21.64
N TYR D 198 -24.88 30.37 22.00
CA TYR D 198 -23.71 30.59 21.16
C TYR D 198 -23.34 29.30 20.39
N GLU D 199 -22.87 29.46 19.16
CA GLU D 199 -22.40 28.31 18.36
C GLU D 199 -21.31 28.85 17.45
N GLN D 200 -20.40 27.96 17.05
CA GLN D 200 -19.24 28.39 16.26
C GLN D 200 -19.15 27.54 15.00
N TYR D 201 -18.83 28.18 13.87
CA TYR D 201 -18.75 27.47 12.58
C TYR D 201 -17.45 27.85 11.88
N THR D 202 -16.89 26.94 11.10
CA THR D 202 -15.61 27.27 10.49
C THR D 202 -15.55 26.68 9.09
N SER D 203 -14.69 27.25 8.26
CA SER D 203 -14.50 26.76 6.92
C SER D 203 -13.03 26.98 6.63
N SER D 204 -12.46 26.16 5.75
CA SER D 204 -11.04 26.33 5.42
C SER D 204 -10.91 26.00 3.93
N PHE D 205 -10.17 26.80 3.16
CA PHE D 205 -10.07 26.57 1.72
C PHE D 205 -8.98 27.40 1.10
N PHE D 206 -8.54 27.00 -0.09
CA PHE D 206 -7.64 27.85 -0.87
C PHE D 206 -8.59 28.58 -1.84
N ILE D 207 -8.25 29.82 -2.17
CA ILE D 207 -9.02 30.62 -3.12
C ILE D 207 -9.18 29.82 -4.42
N ARG D 208 -8.09 29.24 -4.95
CA ARG D 208 -8.19 28.50 -6.22
C ARG D 208 -9.28 27.46 -6.27
N ASP D 209 -9.60 26.87 -5.11
CA ASP D 209 -10.61 25.83 -5.04
C ASP D 209 -12.07 26.36 -4.98
N ILE D 210 -12.26 27.61 -4.61
CA ILE D 210 -13.63 28.16 -4.54
C ILE D 210 -13.94 29.14 -5.69
N ILE D 211 -13.01 29.22 -6.63
CA ILE D 211 -13.19 30.11 -7.77
C ILE D 211 -14.44 29.71 -8.55
N LYS D 212 -15.25 30.70 -8.91
CA LYS D 212 -16.42 30.48 -9.78
C LYS D 212 -16.55 31.78 -10.57
N PRO D 213 -16.10 31.78 -11.84
CA PRO D 213 -16.19 33.07 -12.54
C PRO D 213 -17.63 33.53 -12.69
N ASP D 214 -17.83 34.84 -12.90
CA ASP D 214 -19.17 35.30 -13.24
C ASP D 214 -19.41 34.82 -14.67
N PRO D 215 -20.65 34.92 -15.19
CA PRO D 215 -20.92 34.44 -16.55
C PRO D 215 -20.25 35.29 -17.62
N PRO D 216 -20.08 34.73 -18.83
CA PRO D 216 -19.48 35.55 -19.90
C PRO D 216 -20.37 36.80 -20.17
N LYS D 217 -19.77 37.90 -20.63
CA LYS D 217 -20.54 39.12 -20.89
C LYS D 217 -20.79 39.40 -22.36
N ASN D 218 -21.62 40.42 -22.64
CA ASN D 218 -21.95 40.82 -24.01
C ASN D 218 -22.11 39.67 -24.99
N LEU D 219 -22.90 38.69 -24.60
CA LEU D 219 -23.19 37.55 -25.45
C LEU D 219 -23.96 38.09 -26.67
N GLN D 220 -23.54 37.67 -27.88
CA GLN D 220 -24.17 38.13 -29.13
C GLN D 220 -24.16 37.07 -30.22
N LEU D 221 -25.15 37.15 -31.11
CA LEU D 221 -25.29 36.25 -32.26
C LEU D 221 -25.14 37.02 -33.56
N LYS D 222 -24.42 36.46 -34.53
CA LYS D 222 -24.22 37.09 -35.83
C LYS D 222 -24.50 36.08 -36.96
N PRO D 223 -25.79 35.90 -37.32
CA PRO D 223 -26.25 34.96 -38.35
C PRO D 223 -25.70 35.27 -39.74
N LEU D 224 -25.53 34.22 -40.54
CA LEU D 224 -25.02 34.34 -41.90
C LEU D 224 -26.09 33.89 -42.90
N GLN D 229 -27.18 28.85 -38.50
CA GLN D 229 -25.73 28.88 -38.36
C GLN D 229 -25.21 30.29 -38.04
N VAL D 230 -25.06 30.55 -36.74
CA VAL D 230 -24.61 31.84 -36.27
C VAL D 230 -23.18 31.85 -35.75
N GLU D 231 -22.65 33.06 -35.62
CA GLU D 231 -21.34 33.29 -35.03
C GLU D 231 -21.68 33.77 -33.63
N VAL D 232 -21.36 32.94 -32.63
CA VAL D 232 -21.62 33.29 -31.22
C VAL D 232 -20.40 34.01 -30.69
N SER D 233 -20.61 35.14 -30.03
CA SER D 233 -19.49 35.87 -29.45
C SER D 233 -19.80 36.31 -28.02
N TRP D 234 -18.76 36.60 -27.26
CA TRP D 234 -18.92 36.99 -25.87
C TRP D 234 -17.62 37.55 -25.35
N GLU D 235 -17.65 38.05 -24.11
CA GLU D 235 -16.47 38.62 -23.51
C GLU D 235 -16.28 38.06 -22.10
N TYR D 236 -15.07 38.20 -21.58
CA TYR D 236 -14.73 37.75 -20.23
C TYR D 236 -15.53 38.63 -19.30
N PRO D 237 -15.91 38.11 -18.12
CA PRO D 237 -16.67 38.99 -17.20
C PRO D 237 -15.76 40.06 -16.63
N ASP D 238 -16.35 41.22 -16.38
CA ASP D 238 -15.62 42.36 -15.85
C ASP D 238 -14.92 42.05 -14.52
N THR D 239 -15.51 41.19 -13.70
CA THR D 239 -14.92 40.86 -12.41
C THR D 239 -13.75 39.88 -12.48
N TRP D 240 -13.59 39.19 -13.60
CA TRP D 240 -12.51 38.19 -13.70
C TRP D 240 -11.13 38.84 -13.56
N SER D 241 -10.14 38.09 -13.08
CA SER D 241 -8.79 38.64 -12.90
C SER D 241 -8.16 39.05 -14.22
N THR D 242 -7.29 40.07 -14.18
CA THR D 242 -6.56 40.51 -15.36
C THR D 242 -5.06 40.45 -15.06
N PRO D 243 -4.22 40.43 -16.11
CA PRO D 243 -4.56 40.40 -17.54
C PRO D 243 -5.11 39.04 -17.95
N HIS D 244 -6.03 39.03 -18.91
CA HIS D 244 -6.63 37.79 -19.40
C HIS D 244 -5.64 36.86 -20.10
N SER D 245 -4.51 37.42 -20.57
CA SER D 245 -3.50 36.63 -21.27
C SER D 245 -2.78 35.71 -20.28
N TYR D 246 -2.94 36.02 -18.99
CA TYR D 246 -2.36 35.26 -17.88
C TYR D 246 -3.48 34.42 -17.21
N PHE D 247 -4.50 35.09 -16.68
CA PHE D 247 -5.66 34.39 -16.09
C PHE D 247 -6.66 33.99 -17.18
N SER D 248 -6.31 32.96 -17.94
CA SER D 248 -7.12 32.47 -19.05
C SER D 248 -8.34 31.72 -18.60
N LEU D 249 -9.41 31.81 -19.40
CA LEU D 249 -10.63 31.04 -19.17
C LEU D 249 -10.83 30.11 -20.33
N THR D 250 -11.70 29.13 -20.13
CA THR D 250 -12.10 28.23 -21.19
C THR D 250 -13.59 28.25 -21.15
N PHE D 251 -14.23 27.87 -22.24
CA PHE D 251 -15.69 28.03 -22.32
C PHE D 251 -16.40 26.81 -22.88
N CYS D 252 -17.70 26.78 -22.60
CA CYS D 252 -18.59 25.75 -23.10
C CYS D 252 -19.78 26.46 -23.69
N VAL D 253 -20.10 26.13 -24.94
CA VAL D 253 -21.23 26.72 -25.64
C VAL D 253 -22.24 25.62 -25.85
N GLN D 254 -23.49 25.90 -25.51
CA GLN D 254 -24.56 24.92 -25.58
C GLN D 254 -25.81 25.46 -26.27
N VAL D 255 -26.32 24.70 -27.24
CA VAL D 255 -27.52 25.07 -27.98
C VAL D 255 -28.66 24.19 -27.45
N GLN D 256 -29.85 24.76 -27.31
CA GLN D 256 -30.99 24.01 -26.78
C GLN D 256 -32.37 24.66 -26.99
N GLY D 257 -33.40 23.82 -27.04
CA GLY D 257 -34.77 24.25 -27.20
C GLY D 257 -35.64 23.97 -25.98
N LYS D 264 -23.71 16.18 -26.95
CA LYS D 264 -23.80 16.13 -28.41
C LYS D 264 -24.12 17.50 -29.05
N ASP D 265 -24.72 18.39 -28.27
CA ASP D 265 -25.09 19.75 -28.72
C ASP D 265 -24.32 20.82 -27.93
N ARG D 266 -23.08 20.49 -27.60
CA ARG D 266 -22.23 21.39 -26.84
C ARG D 266 -20.89 21.46 -27.53
N VAL D 267 -20.29 22.66 -27.56
CA VAL D 267 -18.95 22.81 -28.10
C VAL D 267 -18.06 23.43 -27.03
N PHE D 268 -16.76 23.12 -27.07
CA PHE D 268 -15.82 23.64 -26.05
C PHE D 268 -14.78 24.49 -26.76
N THR D 269 -14.37 25.58 -26.16
CA THR D 269 -13.38 26.42 -26.82
C THR D 269 -12.67 27.34 -25.84
N ASP D 270 -11.42 27.69 -26.15
CA ASP D 270 -10.70 28.69 -25.33
C ASP D 270 -10.91 30.06 -25.96
N LYS D 271 -11.44 30.08 -27.18
CA LYS D 271 -11.71 31.36 -27.87
C LYS D 271 -12.97 32.03 -27.27
N THR D 272 -13.16 33.32 -27.55
CA THR D 272 -14.37 34.01 -27.09
C THR D 272 -15.40 34.07 -28.22
N SER D 273 -15.34 33.09 -29.11
CA SER D 273 -16.31 33.01 -30.20
C SER D 273 -16.46 31.54 -30.62
N ALA D 274 -17.57 31.23 -31.25
CA ALA D 274 -17.83 29.89 -31.74
C ALA D 274 -18.90 30.04 -32.80
N THR D 275 -18.93 29.08 -33.72
CA THR D 275 -19.93 29.06 -34.78
C THR D 275 -20.78 27.80 -34.55
N VAL D 276 -22.08 27.99 -34.31
CA VAL D 276 -22.98 26.87 -34.07
C VAL D 276 -24.23 26.94 -34.95
N ILE D 277 -25.00 25.86 -34.94
CA ILE D 277 -26.21 25.80 -35.74
C ILE D 277 -27.43 26.14 -34.88
N CYS D 278 -27.83 27.40 -34.98
CA CYS D 278 -28.95 27.93 -34.22
C CYS D 278 -30.24 27.46 -34.85
N ARG D 279 -30.97 26.60 -34.14
CA ARG D 279 -32.25 26.12 -34.64
C ARG D 279 -33.26 27.24 -34.40
N LYS D 280 -34.53 26.97 -34.66
CA LYS D 280 -35.56 27.98 -34.44
C LYS D 280 -36.22 27.67 -33.11
N ASN D 281 -36.45 28.72 -32.32
CA ASN D 281 -37.04 28.62 -31.00
C ASN D 281 -35.99 28.29 -29.93
N ALA D 282 -34.77 28.02 -30.36
CA ALA D 282 -33.70 27.66 -29.44
C ALA D 282 -32.95 28.84 -28.82
N SER D 283 -32.13 28.53 -27.81
CA SER D 283 -31.28 29.53 -27.17
C SER D 283 -29.85 28.99 -27.05
N ILE D 284 -28.90 29.91 -27.18
CA ILE D 284 -27.51 29.56 -27.09
C ILE D 284 -27.06 30.01 -25.71
N SER D 285 -26.38 29.11 -24.99
CA SER D 285 -25.85 29.41 -23.65
C SER D 285 -24.33 29.21 -23.61
N VAL D 286 -23.65 30.06 -22.85
CA VAL D 286 -22.19 29.97 -22.69
C VAL D 286 -21.83 30.06 -21.21
N ARG D 287 -20.91 29.19 -20.78
CA ARG D 287 -20.36 29.25 -19.42
C ARG D 287 -18.80 29.19 -19.42
N ALA D 288 -18.19 29.58 -18.32
CA ALA D 288 -16.75 29.70 -18.25
C ALA D 288 -16.13 28.97 -17.07
N GLN D 289 -14.86 28.60 -17.20
CA GLN D 289 -14.13 27.93 -16.14
C GLN D 289 -12.65 28.32 -16.29
N ASP D 290 -11.92 28.36 -15.19
CA ASP D 290 -10.48 28.65 -15.24
C ASP D 290 -9.88 27.66 -16.25
N ARG D 291 -9.04 28.11 -17.16
CA ARG D 291 -8.52 27.18 -18.19
C ARG D 291 -7.56 26.12 -17.63
N TYR D 292 -6.88 26.40 -16.53
CA TYR D 292 -5.81 25.49 -16.10
C TYR D 292 -6.03 24.74 -14.83
N TYR D 293 -7.05 25.14 -14.07
CA TYR D 293 -7.31 24.50 -12.78
C TYR D 293 -8.80 24.22 -12.69
N SER D 294 -9.17 22.98 -12.40
CA SER D 294 -10.55 22.57 -12.42
C SER D 294 -11.43 23.02 -11.27
N SER D 295 -11.73 24.32 -11.21
CA SER D 295 -12.64 24.85 -10.20
C SER D 295 -14.03 24.92 -10.83
N SER D 296 -14.94 25.69 -10.25
CA SER D 296 -16.35 25.68 -10.73
C SER D 296 -16.62 26.38 -12.04
N TRP D 297 -17.56 25.86 -12.80
CA TRP D 297 -18.03 26.49 -14.02
C TRP D 297 -18.92 27.67 -13.57
N SER D 298 -18.96 28.74 -14.37
CA SER D 298 -19.81 29.89 -14.05
C SER D 298 -21.27 29.53 -14.33
N GLU D 299 -22.19 30.43 -13.97
CA GLU D 299 -23.60 30.22 -14.30
C GLU D 299 -23.67 30.46 -15.82
N TRP D 300 -24.73 29.98 -16.46
CA TRP D 300 -24.89 30.14 -17.90
C TRP D 300 -25.31 31.56 -18.29
N ALA D 301 -24.83 32.04 -19.43
CA ALA D 301 -25.30 33.29 -20.01
C ALA D 301 -26.05 32.85 -21.25
N SER D 302 -27.28 33.35 -21.44
CA SER D 302 -28.06 32.94 -22.59
C SER D 302 -28.55 34.04 -23.54
N VAL D 303 -28.77 33.64 -24.79
CA VAL D 303 -29.24 34.52 -25.85
C VAL D 303 -30.20 33.68 -26.70
N PRO D 304 -31.29 34.31 -27.19
CA PRO D 304 -32.24 33.51 -27.98
C PRO D 304 -31.80 33.31 -29.42
N CYS D 305 -32.00 32.10 -29.94
CA CYS D 305 -31.66 31.79 -31.33
C CYS D 305 -32.68 32.57 -32.16
N1 IMD E . -7.69 -39.66 13.18
C2 IMD E . -7.49 -40.90 12.67
N3 IMD E . -8.41 -41.12 11.70
C4 IMD E . -9.20 -39.99 11.58
C5 IMD E . -8.73 -39.09 12.50
C1 MPD F . 27.81 -56.95 10.37
C2 MPD F . 26.34 -56.45 10.13
O2 MPD F . 25.85 -55.59 11.16
CM MPD F . 26.32 -55.70 8.83
C3 MPD F . 25.42 -57.69 9.96
C4 MPD F . 25.39 -58.67 11.17
O4 MPD F . 24.62 -58.02 12.26
C5 MPD F . 24.63 -59.93 10.61
C1 MPD G . 8.61 7.27 -13.62
C2 MPD G . 9.08 6.11 -12.74
O2 MPD G . 9.08 4.96 -13.63
CM MPD G . 10.47 6.28 -12.11
C3 MPD G . 8.18 6.03 -11.53
C4 MPD G . 6.79 5.49 -11.86
O4 MPD G . 5.99 5.56 -10.62
C5 MPD G . 7.06 4.02 -12.19
#